data_3BBZ
# 
_entry.id   3BBZ 
# 
_audit_conform.dict_name       mmcif_pdbx.dic 
_audit_conform.dict_version    5.392 
_audit_conform.dict_location   http://mmcif.pdb.org/dictionaries/ascii/mmcif_pdbx.dic 
# 
loop_
_database_2.database_id 
_database_2.database_code 
_database_2.pdbx_database_accession 
_database_2.pdbx_DOI 
PDB   3BBZ         pdb_00003bbz 10.2210/pdb3bbz/pdb 
RCSB  RCSB045334   ?            ?                   
WWPDB D_1000045334 ?            ?                   
# 
loop_
_pdbx_audit_revision_history.ordinal 
_pdbx_audit_revision_history.data_content_type 
_pdbx_audit_revision_history.major_revision 
_pdbx_audit_revision_history.minor_revision 
_pdbx_audit_revision_history.revision_date 
1 'Structure model' 1 0 2008-05-27 
2 'Structure model' 1 1 2011-07-13 
3 'Structure model' 1 2 2021-11-10 
4 'Structure model' 1 3 2024-05-29 
# 
_pdbx_audit_revision_details.ordinal             1 
_pdbx_audit_revision_details.revision_ordinal    1 
_pdbx_audit_revision_details.data_content_type   'Structure model' 
_pdbx_audit_revision_details.provider            repository 
_pdbx_audit_revision_details.type                'Initial release' 
_pdbx_audit_revision_details.description         ? 
_pdbx_audit_revision_details.details             ? 
# 
loop_
_pdbx_audit_revision_group.ordinal 
_pdbx_audit_revision_group.revision_ordinal 
_pdbx_audit_revision_group.data_content_type 
_pdbx_audit_revision_group.group 
1 2 'Structure model' 'Version format compliance' 
2 3 'Structure model' 'Database references'       
3 3 'Structure model' 'Derived calculations'      
4 4 'Structure model' 'Data collection'           
# 
loop_
_pdbx_audit_revision_category.ordinal 
_pdbx_audit_revision_category.revision_ordinal 
_pdbx_audit_revision_category.data_content_type 
_pdbx_audit_revision_category.category 
1 3 'Structure model' database_2         
2 3 'Structure model' struct_ref_seq_dif 
3 3 'Structure model' struct_site        
4 4 'Structure model' chem_comp_atom     
5 4 'Structure model' chem_comp_bond     
# 
loop_
_pdbx_audit_revision_item.ordinal 
_pdbx_audit_revision_item.revision_ordinal 
_pdbx_audit_revision_item.data_content_type 
_pdbx_audit_revision_item.item 
1 3 'Structure model' '_database_2.pdbx_DOI'                
2 3 'Structure model' '_database_2.pdbx_database_accession' 
3 3 'Structure model' '_struct_ref_seq_dif.details'         
4 3 'Structure model' '_struct_site.pdbx_auth_asym_id'      
5 3 'Structure model' '_struct_site.pdbx_auth_comp_id'      
6 3 'Structure model' '_struct_site.pdbx_auth_seq_id'       
# 
_pdbx_database_status.status_code                     REL 
_pdbx_database_status.entry_id                        3BBZ 
_pdbx_database_status.recvd_initial_deposition_date   2007-11-11 
_pdbx_database_status.deposit_site                    RCSB 
_pdbx_database_status.process_site                    PDBJ 
_pdbx_database_status.status_code_sf                  REL 
_pdbx_database_status.status_code_mr                  ? 
_pdbx_database_status.SG_entry                        ? 
_pdbx_database_status.pdb_format_compatible           Y 
_pdbx_database_status.status_code_cs                  ? 
_pdbx_database_status.status_code_nmr_data            ? 
_pdbx_database_status.methods_development_category    ? 
# 
loop_
_audit_author.name 
_audit_author.pdbx_ordinal 
'Kingston, R.L.' 1 
'Gay, L.S.'      2 
'Baase, W.S.'    3 
'Matthews, B.W.' 4 
# 
_citation.id                        primary 
_citation.title                     
;Structure of the nucleocapsid-binding domain from the mumps virus polymerase; an example of protein folding induced by crystallization
;
_citation.journal_abbrev            J.Mol.Biol. 
_citation.journal_volume            379 
_citation.page_first                719 
_citation.page_last                 731 
_citation.year                      2008 
_citation.journal_id_ASTM           JMOBAK 
_citation.country                   UK 
_citation.journal_id_ISSN           0022-2836 
_citation.journal_id_CSD            0070 
_citation.book_publisher            ? 
_citation.pdbx_database_id_PubMed   18468621 
_citation.pdbx_database_id_DOI      10.1016/j.jmb.2007.12.080 
# 
loop_
_citation_author.citation_id 
_citation_author.name 
_citation_author.ordinal 
_citation_author.identifier_ORCID 
primary 'Kingston, R.L.' 1 ? 
primary 'Gay, L.S.'      2 ? 
primary 'Baase, W.S.'    3 ? 
primary 'Matthews, B.W.' 4 ? 
# 
loop_
_entity.id 
_entity.type 
_entity.src_method 
_entity.pdbx_description 
_entity.formula_weight 
_entity.pdbx_number_of_molecules 
_entity.pdbx_ec 
_entity.pdbx_mutation 
_entity.pdbx_fragment 
_entity.details 
1 polymer     man 'P protein'   5455.335 2  ? C356S 'nucleocapsid-binding domain, UNP residues 343-391' ? 
2 non-polymer syn 'BROMIDE ION' 79.904   2  ? ?     ?                                                   ? 
3 non-polymer syn 'FORMIC ACID' 46.025   6  ? ?     ?                                                   ? 
4 water       nat water         18.015   52 ? ?     ?                                                   ? 
# 
_entity_name_com.entity_id   1 
_entity_name_com.name        phosphoprotein 
# 
_entity_poly.entity_id                      1 
_entity_poly.type                           'polypeptide(L)' 
_entity_poly.nstd_linkage                   no 
_entity_poly.nstd_monomer                   no 
_entity_poly.pdbx_seq_one_letter_code       AGQKVMITKMITDSVANPQMKQAFEQRLAKASTEDALNDIKRDIIRSAI 
_entity_poly.pdbx_seq_one_letter_code_can   AGQKVMITKMITDSVANPQMKQAFEQRLAKASTEDALNDIKRDIIRSAI 
_entity_poly.pdbx_strand_id                 A,B 
_entity_poly.pdbx_target_identifier         ? 
# 
loop_
_pdbx_entity_nonpoly.entity_id 
_pdbx_entity_nonpoly.name 
_pdbx_entity_nonpoly.comp_id 
2 'BROMIDE ION' BR  
3 'FORMIC ACID' FMT 
4 water         HOH 
# 
loop_
_entity_poly_seq.entity_id 
_entity_poly_seq.num 
_entity_poly_seq.mon_id 
_entity_poly_seq.hetero 
1 1  ALA n 
1 2  GLY n 
1 3  GLN n 
1 4  LYS n 
1 5  VAL n 
1 6  MET n 
1 7  ILE n 
1 8  THR n 
1 9  LYS n 
1 10 MET n 
1 11 ILE n 
1 12 THR n 
1 13 ASP n 
1 14 SER n 
1 15 VAL n 
1 16 ALA n 
1 17 ASN n 
1 18 PRO n 
1 19 GLN n 
1 20 MET n 
1 21 LYS n 
1 22 GLN n 
1 23 ALA n 
1 24 PHE n 
1 25 GLU n 
1 26 GLN n 
1 27 ARG n 
1 28 LEU n 
1 29 ALA n 
1 30 LYS n 
1 31 ALA n 
1 32 SER n 
1 33 THR n 
1 34 GLU n 
1 35 ASP n 
1 36 ALA n 
1 37 LEU n 
1 38 ASN n 
1 39 ASP n 
1 40 ILE n 
1 41 LYS n 
1 42 ARG n 
1 43 ASP n 
1 44 ILE n 
1 45 ILE n 
1 46 ARG n 
1 47 SER n 
1 48 ALA n 
1 49 ILE n 
# 
_entity_src_gen.entity_id                          1 
_entity_src_gen.pdbx_src_id                        1 
_entity_src_gen.pdbx_alt_source_flag               sample 
_entity_src_gen.pdbx_seq_type                      ? 
_entity_src_gen.pdbx_beg_seq_num                   ? 
_entity_src_gen.pdbx_end_seq_num                   ? 
_entity_src_gen.gene_src_common_name               ? 
_entity_src_gen.gene_src_genus                     ? 
_entity_src_gen.pdbx_gene_src_gene                 ? 
_entity_src_gen.gene_src_species                   ? 
_entity_src_gen.gene_src_strain                    'Jeryl-Lynn vaccine' 
_entity_src_gen.gene_src_tissue                    ? 
_entity_src_gen.gene_src_tissue_fraction           ? 
_entity_src_gen.gene_src_details                   ? 
_entity_src_gen.pdbx_gene_src_fragment             ? 
_entity_src_gen.pdbx_gene_src_scientific_name      'Mumps virus' 
_entity_src_gen.pdbx_gene_src_ncbi_taxonomy_id     11161 
_entity_src_gen.pdbx_gene_src_variant              ? 
_entity_src_gen.pdbx_gene_src_cell_line            ? 
_entity_src_gen.pdbx_gene_src_atcc                 ? 
_entity_src_gen.pdbx_gene_src_organ                ? 
_entity_src_gen.pdbx_gene_src_organelle            ? 
_entity_src_gen.pdbx_gene_src_cell                 ? 
_entity_src_gen.pdbx_gene_src_cellular_location    ? 
_entity_src_gen.host_org_common_name               ? 
_entity_src_gen.pdbx_host_org_scientific_name      'Escherichia coli' 
_entity_src_gen.pdbx_host_org_ncbi_taxonomy_id     562 
_entity_src_gen.host_org_genus                     ? 
_entity_src_gen.pdbx_host_org_gene                 ? 
_entity_src_gen.pdbx_host_org_organ                ? 
_entity_src_gen.host_org_species                   ? 
_entity_src_gen.pdbx_host_org_tissue               ? 
_entity_src_gen.pdbx_host_org_tissue_fraction      ? 
_entity_src_gen.pdbx_host_org_strain               'BL21-Star (DE3)' 
_entity_src_gen.pdbx_host_org_variant              ? 
_entity_src_gen.pdbx_host_org_cell_line            ? 
_entity_src_gen.pdbx_host_org_atcc                 ? 
_entity_src_gen.pdbx_host_org_culture_collection   ? 
_entity_src_gen.pdbx_host_org_cell                 ? 
_entity_src_gen.pdbx_host_org_organelle            ? 
_entity_src_gen.pdbx_host_org_cellular_location    ? 
_entity_src_gen.pdbx_host_org_vector_type          plasmid 
_entity_src_gen.pdbx_host_org_vector               ? 
_entity_src_gen.host_org_details                   ? 
_entity_src_gen.expression_system_id               ? 
_entity_src_gen.plasmid_name                       'pET41A(+)' 
_entity_src_gen.plasmid_details                    ? 
_entity_src_gen.pdbx_description                   ? 
# 
loop_
_chem_comp.id 
_chem_comp.type 
_chem_comp.mon_nstd_flag 
_chem_comp.name 
_chem_comp.pdbx_synonyms 
_chem_comp.formula 
_chem_comp.formula_weight 
ALA 'L-peptide linking' y ALANINE         ? 'C3 H7 N O2'     89.093  
ARG 'L-peptide linking' y ARGININE        ? 'C6 H15 N4 O2 1' 175.209 
ASN 'L-peptide linking' y ASPARAGINE      ? 'C4 H8 N2 O3'    132.118 
ASP 'L-peptide linking' y 'ASPARTIC ACID' ? 'C4 H7 N O4'     133.103 
BR  non-polymer         . 'BROMIDE ION'   ? 'Br -1'          79.904  
CYS 'L-peptide linking' y CYSTEINE        ? 'C3 H7 N O2 S'   121.158 
FMT non-polymer         . 'FORMIC ACID'   ? 'C H2 O2'        46.025  
GLN 'L-peptide linking' y GLUTAMINE       ? 'C5 H10 N2 O3'   146.144 
GLU 'L-peptide linking' y 'GLUTAMIC ACID' ? 'C5 H9 N O4'     147.129 
GLY 'peptide linking'   y GLYCINE         ? 'C2 H5 N O2'     75.067  
HOH non-polymer         . WATER           ? 'H2 O'           18.015  
ILE 'L-peptide linking' y ISOLEUCINE      ? 'C6 H13 N O2'    131.173 
LEU 'L-peptide linking' y LEUCINE         ? 'C6 H13 N O2'    131.173 
LYS 'L-peptide linking' y LYSINE          ? 'C6 H15 N2 O2 1' 147.195 
MET 'L-peptide linking' y METHIONINE      ? 'C5 H11 N O2 S'  149.211 
PHE 'L-peptide linking' y PHENYLALANINE   ? 'C9 H11 N O2'    165.189 
PRO 'L-peptide linking' y PROLINE         ? 'C5 H9 N O2'     115.130 
SER 'L-peptide linking' y SERINE          ? 'C3 H7 N O3'     105.093 
THR 'L-peptide linking' y THREONINE       ? 'C4 H9 N O3'     119.119 
VAL 'L-peptide linking' y VALINE          ? 'C5 H11 N O2'    117.146 
# 
loop_
_pdbx_poly_seq_scheme.asym_id 
_pdbx_poly_seq_scheme.entity_id 
_pdbx_poly_seq_scheme.seq_id 
_pdbx_poly_seq_scheme.mon_id 
_pdbx_poly_seq_scheme.ndb_seq_num 
_pdbx_poly_seq_scheme.pdb_seq_num 
_pdbx_poly_seq_scheme.auth_seq_num 
_pdbx_poly_seq_scheme.pdb_mon_id 
_pdbx_poly_seq_scheme.auth_mon_id 
_pdbx_poly_seq_scheme.pdb_strand_id 
_pdbx_poly_seq_scheme.pdb_ins_code 
_pdbx_poly_seq_scheme.hetero 
A 1 1  ALA 1  343 ?   ?   ?   A . n 
A 1 2  GLY 2  344 344 GLY GLY A . n 
A 1 3  GLN 3  345 345 GLN GLN A . n 
A 1 4  LYS 4  346 346 LYS LYS A . n 
A 1 5  VAL 5  347 347 VAL VAL A . n 
A 1 6  MET 6  348 348 MET MET A . n 
A 1 7  ILE 7  349 349 ILE ILE A . n 
A 1 8  THR 8  350 350 THR THR A . n 
A 1 9  LYS 9  351 351 LYS LYS A . n 
A 1 10 MET 10 352 352 MET MET A . n 
A 1 11 ILE 11 353 353 ILE ILE A . n 
A 1 12 THR 12 354 354 THR THR A . n 
A 1 13 ASP 13 355 355 ASP ASP A . n 
A 1 14 SER 14 356 356 SER SER A . n 
A 1 15 VAL 15 357 357 VAL VAL A . n 
A 1 16 ALA 16 358 358 ALA ALA A . n 
A 1 17 ASN 17 359 359 ASN ASN A . n 
A 1 18 PRO 18 360 360 PRO PRO A . n 
A 1 19 GLN 19 361 361 GLN GLN A . n 
A 1 20 MET 20 362 362 MET MET A . n 
A 1 21 LYS 21 363 363 LYS LYS A . n 
A 1 22 GLN 22 364 364 GLN GLN A . n 
A 1 23 ALA 23 365 365 ALA ALA A . n 
A 1 24 PHE 24 366 366 PHE PHE A . n 
A 1 25 GLU 25 367 367 GLU GLU A . n 
A 1 26 GLN 26 368 368 GLN GLN A . n 
A 1 27 ARG 27 369 369 ARG ARG A . n 
A 1 28 LEU 28 370 370 LEU LEU A . n 
A 1 29 ALA 29 371 371 ALA ALA A . n 
A 1 30 LYS 30 372 372 LYS LYS A . n 
A 1 31 ALA 31 373 373 ALA ALA A . n 
A 1 32 SER 32 374 374 SER SER A . n 
A 1 33 THR 33 375 375 THR THR A . n 
A 1 34 GLU 34 376 376 GLU GLU A . n 
A 1 35 ASP 35 377 377 ASP ASP A . n 
A 1 36 ALA 36 378 378 ALA ALA A . n 
A 1 37 LEU 37 379 379 LEU LEU A . n 
A 1 38 ASN 38 380 380 ASN ASN A . n 
A 1 39 ASP 39 381 381 ASP ASP A . n 
A 1 40 ILE 40 382 382 ILE ILE A . n 
A 1 41 LYS 41 383 383 LYS LYS A . n 
A 1 42 ARG 42 384 384 ARG ARG A . n 
A 1 43 ASP 43 385 385 ASP ASP A . n 
A 1 44 ILE 44 386 386 ILE ILE A . n 
A 1 45 ILE 45 387 387 ILE ILE A . n 
A 1 46 ARG 46 388 388 ARG ARG A . n 
A 1 47 SER 47 389 389 SER SER A . n 
A 1 48 ALA 48 390 390 ALA ALA A . n 
A 1 49 ILE 49 391 391 ILE ILE A . n 
B 1 1  ALA 1  343 ?   ?   ?   B . n 
B 1 2  GLY 2  344 344 GLY GLY B . n 
B 1 3  GLN 3  345 345 GLN GLN B . n 
B 1 4  LYS 4  346 346 LYS LYS B . n 
B 1 5  VAL 5  347 347 VAL VAL B . n 
B 1 6  MET 6  348 348 MET MET B . n 
B 1 7  ILE 7  349 349 ILE ILE B . n 
B 1 8  THR 8  350 350 THR THR B . n 
B 1 9  LYS 9  351 351 LYS LYS B . n 
B 1 10 MET 10 352 352 MET MET B . n 
B 1 11 ILE 11 353 353 ILE ILE B . n 
B 1 12 THR 12 354 354 THR THR B . n 
B 1 13 ASP 13 355 355 ASP ASP B . n 
B 1 14 SER 14 356 356 SER SER B . n 
B 1 15 VAL 15 357 357 VAL VAL B . n 
B 1 16 ALA 16 358 358 ALA ALA B . n 
B 1 17 ASN 17 359 359 ASN ASN B . n 
B 1 18 PRO 18 360 360 PRO PRO B . n 
B 1 19 GLN 19 361 361 GLN GLN B . n 
B 1 20 MET 20 362 362 MET MET B . n 
B 1 21 LYS 21 363 363 LYS LYS B . n 
B 1 22 GLN 22 364 364 GLN GLN B . n 
B 1 23 ALA 23 365 365 ALA ALA B . n 
B 1 24 PHE 24 366 366 PHE PHE B . n 
B 1 25 GLU 25 367 367 GLU GLU B . n 
B 1 26 GLN 26 368 368 GLN GLN B . n 
B 1 27 ARG 27 369 369 ARG ARG B . n 
B 1 28 LEU 28 370 370 LEU LEU B . n 
B 1 29 ALA 29 371 371 ALA ALA B . n 
B 1 30 LYS 30 372 372 LYS LYS B . n 
B 1 31 ALA 31 373 373 ALA ALA B . n 
B 1 32 SER 32 374 374 SER SER B . n 
B 1 33 THR 33 375 375 THR THR B . n 
B 1 34 GLU 34 376 376 GLU GLU B . n 
B 1 35 ASP 35 377 377 ASP ASP B . n 
B 1 36 ALA 36 378 378 ALA ALA B . n 
B 1 37 LEU 37 379 379 LEU LEU B . n 
B 1 38 ASN 38 380 380 ASN ASN B . n 
B 1 39 ASP 39 381 381 ASP ASP B . n 
B 1 40 ILE 40 382 382 ILE ILE B . n 
B 1 41 LYS 41 383 383 LYS LYS B . n 
B 1 42 ARG 42 384 384 ARG ARG B . n 
B 1 43 ASP 43 385 385 ASP ASP B . n 
B 1 44 ILE 44 386 386 ILE ILE B . n 
B 1 45 ILE 45 387 387 ILE ILE B . n 
B 1 46 ARG 46 388 388 ARG ARG B . n 
B 1 47 SER 47 389 389 SER SER B . n 
B 1 48 ALA 48 390 390 ALA ALA B . n 
B 1 49 ILE 49 391 391 ILE ILE B . n 
# 
loop_
_pdbx_nonpoly_scheme.asym_id 
_pdbx_nonpoly_scheme.entity_id 
_pdbx_nonpoly_scheme.mon_id 
_pdbx_nonpoly_scheme.ndb_seq_num 
_pdbx_nonpoly_scheme.pdb_seq_num 
_pdbx_nonpoly_scheme.auth_seq_num 
_pdbx_nonpoly_scheme.pdb_mon_id 
_pdbx_nonpoly_scheme.auth_mon_id 
_pdbx_nonpoly_scheme.pdb_strand_id 
_pdbx_nonpoly_scheme.pdb_ins_code 
C 2 BR  1  65  65  BR  BR  A . 
D 3 FMT 1  1   1   FMT FMT A . 
E 3 FMT 1  4   4   FMT FMT A . 
F 3 FMT 1  8   8   FMT FMT A . 
G 2 BR  1  64  64  BR  BR  B . 
H 3 FMT 1  2   2   FMT FMT B . 
I 3 FMT 1  3   3   FMT FMT B . 
J 3 FMT 1  7   7   FMT FMT B . 
K 4 HOH 1  392 392 HOH HOH A . 
K 4 HOH 2  393 393 HOH HOH A . 
K 4 HOH 3  394 394 HOH HOH A . 
K 4 HOH 4  395 395 HOH HOH A . 
K 4 HOH 5  396 396 HOH HOH A . 
K 4 HOH 6  397 397 HOH HOH A . 
K 4 HOH 7  398 398 HOH HOH A . 
K 4 HOH 8  399 399 HOH HOH A . 
K 4 HOH 9  400 400 HOH HOH A . 
K 4 HOH 10 401 401 HOH HOH A . 
K 4 HOH 11 402 402 HOH HOH A . 
K 4 HOH 12 404 404 HOH HOH A . 
K 4 HOH 13 405 405 HOH HOH A . 
K 4 HOH 14 407 407 HOH HOH A . 
K 4 HOH 15 409 409 HOH HOH A . 
K 4 HOH 16 410 410 HOH HOH A . 
K 4 HOH 17 411 411 HOH HOH A . 
K 4 HOH 18 412 412 HOH HOH A . 
K 4 HOH 19 413 413 HOH HOH A . 
K 4 HOH 20 414 414 HOH HOH A . 
K 4 HOH 21 415 415 HOH HOH A . 
K 4 HOH 22 416 416 HOH HOH A . 
K 4 HOH 23 417 417 HOH HOH A . 
K 4 HOH 24 418 418 HOH HOH A . 
K 4 HOH 25 419 419 HOH HOH A . 
K 4 HOH 26 420 420 HOH HOH A . 
K 4 HOH 27 421 421 HOH HOH A . 
K 4 HOH 28 422 422 HOH HOH A . 
K 4 HOH 29 423 423 HOH HOH A . 
K 4 HOH 30 424 424 HOH HOH A . 
K 4 HOH 31 425 425 HOH HOH A . 
K 4 HOH 32 427 427 HOH HOH A . 
K 4 HOH 33 428 428 HOH HOH A . 
K 4 HOH 34 429 429 HOH HOH A . 
K 4 HOH 35 430 430 HOH HOH A . 
L 4 HOH 1  403 403 HOH HOH B . 
L 4 HOH 2  404 404 HOH HOH B . 
L 4 HOH 3  405 405 HOH HOH B . 
L 4 HOH 4  406 406 HOH HOH B . 
L 4 HOH 5  407 407 HOH HOH B . 
L 4 HOH 6  408 408 HOH HOH B . 
L 4 HOH 7  409 409 HOH HOH B . 
L 4 HOH 8  410 410 HOH HOH B . 
L 4 HOH 9  411 411 HOH HOH B . 
L 4 HOH 10 412 412 HOH HOH B . 
L 4 HOH 11 413 413 HOH HOH B . 
L 4 HOH 12 414 414 HOH HOH B . 
L 4 HOH 13 415 415 HOH HOH B . 
L 4 HOH 14 416 416 HOH HOH B . 
L 4 HOH 15 417 417 HOH HOH B . 
L 4 HOH 16 418 418 HOH HOH B . 
L 4 HOH 17 419 419 HOH HOH B . 
# 
loop_
_software.name 
_software.classification 
_software.version 
_software.citation_id 
_software.pdbx_ordinal 
REFMAC    refinement        5.2.0019 ? 1 
ADSC      'data collection' Quantum  ? 2 
HKL-2000  'data reduction'  .        ? 3 
SCALEPACK 'data scaling'    .        ? 4 
MLPHARE   phasing           .        ? 5 
# 
_cell.entry_id           3BBZ 
_cell.length_a           23.992 
_cell.length_b           55.485 
_cell.length_c           60.019 
_cell.angle_alpha        90.00 
_cell.angle_beta         90.00 
_cell.angle_gamma        90.00 
_cell.Z_PDB              8 
_cell.pdbx_unique_axis   ? 
_cell.length_a_esd       ? 
_cell.length_b_esd       ? 
_cell.length_c_esd       ? 
_cell.angle_alpha_esd    ? 
_cell.angle_beta_esd     ? 
_cell.angle_gamma_esd    ? 
# 
_symmetry.entry_id                         3BBZ 
_symmetry.space_group_name_H-M             'P 21 21 21' 
_symmetry.pdbx_full_space_group_name_H-M   ? 
_symmetry.cell_setting                     ? 
_symmetry.Int_Tables_number                19 
_symmetry.space_group_name_Hall            ? 
# 
_exptl.entry_id          3BBZ 
_exptl.method            'X-RAY DIFFRACTION' 
_exptl.crystals_number   2 
# 
_exptl_crystal.id                    1 
_exptl_crystal.density_meas          ? 
_exptl_crystal.density_Matthews      1.83 
_exptl_crystal.density_percent_sol   32.81 
_exptl_crystal.description           ? 
_exptl_crystal.F_000                 ? 
_exptl_crystal.preparation           ? 
# 
_exptl_crystal_grow.crystal_id      1 
_exptl_crystal_grow.method          'VAPOR DIFFUSION, SITTING DROP' 
_exptl_crystal_grow.temp            277 
_exptl_crystal_grow.temp_details    ? 
_exptl_crystal_grow.pH              9.7 
_exptl_crystal_grow.pdbx_details    
'0.2M Alanine/KOH pH 9.7, 3.6-4.6M Ammonium formate, VAPOR DIFFUSION, SITTING DROP, temperature 277K' 
_exptl_crystal_grow.pdbx_pH_range   . 
# 
loop_
_diffrn.id 
_diffrn.ambient_temp 
_diffrn.ambient_temp_details 
_diffrn.crystal_id 
1 100 ? 1 
2 100 ? 1 
# 
loop_
_diffrn_detector.diffrn_id 
_diffrn_detector.detector 
_diffrn_detector.type 
_diffrn_detector.pdbx_collection_date 
_diffrn_detector.details 
1 CCD 'ADSC QUANTUM 315' 2004-12-02 ? 
2 CCD 'ADSC QUANTUM 315' 2006-06-27 ? 
# 
loop_
_diffrn_radiation.diffrn_id 
_diffrn_radiation.wavelength_id 
_diffrn_radiation.pdbx_monochromatic_or_laue_m_l 
_diffrn_radiation.monochromator 
_diffrn_radiation.pdbx_diffrn_protocol 
_diffrn_radiation.pdbx_scattering_type 
1 1 M 'Double Crystal Si(111)' 'SINGLE WAVELENGTH' x-ray 
2 2 M 'Double Crystal Si(111)' MAD                 x-ray 
# 
loop_
_diffrn_radiation_wavelength.id 
_diffrn_radiation_wavelength.wavelength 
_diffrn_radiation_wavelength.wt 
1 0.920 1.0 
2 0.954 1.0 
3 0.979 1.0 
# 
loop_
_diffrn_source.diffrn_id 
_diffrn_source.source 
_diffrn_source.type 
_diffrn_source.pdbx_synchrotron_site 
_diffrn_source.pdbx_synchrotron_beamline 
_diffrn_source.pdbx_wavelength 
_diffrn_source.pdbx_wavelength_list 
1 SYNCHROTRON 'ALS BEAMLINE 8.2.1'  ALS  8.2.1 ? 0.920       
2 SYNCHROTRON 'SSRL BEAMLINE BL9-1' SSRL BL9-1 ? 0.954,0.979 
# 
_reflns.entry_id                     3BBZ 
_reflns.observed_criterion_sigma_F   0 
_reflns.observed_criterion_sigma_I   0 
_reflns.d_resolution_high            2.1 
_reflns.d_resolution_low             41.27 
_reflns.number_all                   4915 
_reflns.number_obs                   4915 
_reflns.percent_possible_obs         97.2 
_reflns.pdbx_Rmerge_I_obs            0.140 
_reflns.pdbx_Rsym_value              0.140 
_reflns.pdbx_netI_over_sigmaI        5.8 
_reflns.B_iso_Wilson_estimate        13 
_reflns.pdbx_redundancy              8.4 
_reflns.R_free_details               ? 
_reflns.limit_h_max                  ? 
_reflns.limit_h_min                  ? 
_reflns.limit_k_max                  ? 
_reflns.limit_k_min                  ? 
_reflns.limit_l_max                  ? 
_reflns.limit_l_min                  ? 
_reflns.observed_criterion_F_max     ? 
_reflns.observed_criterion_F_min     ? 
_reflns.pdbx_chi_squared             ? 
_reflns.pdbx_scaling_rejects         ? 
_reflns.pdbx_diffrn_id               1,2 
_reflns.pdbx_ordinal                 1 
# 
_reflns_shell.d_res_high             2.10 
_reflns_shell.d_res_low              2.18 
_reflns_shell.percent_possible_all   98.6 
_reflns_shell.Rmerge_I_obs           0.343 
_reflns_shell.pdbx_Rsym_value        ? 
_reflns_shell.meanI_over_sigI_obs    2.4 
_reflns_shell.pdbx_redundancy        8.7 
_reflns_shell.percent_possible_obs   ? 
_reflns_shell.number_unique_all      484 
_reflns_shell.number_measured_all    ? 
_reflns_shell.number_measured_obs    ? 
_reflns_shell.number_unique_obs      ? 
_reflns_shell.pdbx_chi_squared       ? 
_reflns_shell.pdbx_diffrn_id         ? 
_reflns_shell.pdbx_ordinal           1 
# 
_refine.entry_id                                 3BBZ 
_refine.ls_number_reflns_obs                     4677 
_refine.ls_number_reflns_all                     4915 
_refine.pdbx_ls_sigma_I                          0 
_refine.pdbx_ls_sigma_F                          0 
_refine.pdbx_data_cutoff_high_absF               ? 
_refine.pdbx_data_cutoff_low_absF                ? 
_refine.pdbx_data_cutoff_high_rms_absF           ? 
_refine.ls_d_res_low                             40.74 
_refine.ls_d_res_high                            2.10 
_refine.ls_percent_reflns_obs                    97.14 
_refine.ls_R_factor_obs                          0.19254 
_refine.ls_R_factor_all                          0.19254 
_refine.ls_R_factor_R_work                       0.18994 
_refine.ls_R_factor_R_free                       0.2411 
_refine.ls_R_factor_R_free_error                 ? 
_refine.ls_R_factor_R_free_error_details         ? 
_refine.ls_percent_reflns_R_free                 4.9 
_refine.ls_number_reflns_R_free                  238 
_refine.ls_number_parameters                     ? 
_refine.ls_number_restraints                     ? 
_refine.occupancy_min                            ? 
_refine.occupancy_max                            ? 
_refine.correlation_coeff_Fo_to_Fc               0.952 
_refine.correlation_coeff_Fo_to_Fc_free          0.931 
_refine.B_iso_mean                               10.779 
_refine.aniso_B[1][1]                            -0.14 
_refine.aniso_B[2][2]                            -0.32 
_refine.aniso_B[3][3]                            0.45 
_refine.aniso_B[1][2]                            0.00 
_refine.aniso_B[1][3]                            0.00 
_refine.aniso_B[2][3]                            0.00 
_refine.solvent_model_details                    MASK 
_refine.solvent_model_param_ksol                 ? 
_refine.solvent_model_param_bsol                 ? 
_refine.pdbx_solvent_vdw_probe_radii             1.20 
_refine.pdbx_solvent_ion_probe_radii             0.80 
_refine.pdbx_solvent_shrinkage_radii             0.80 
_refine.pdbx_ls_cross_valid_method               THROUGHOUT 
_refine.details                                  ? 
_refine.pdbx_starting_model                      ? 
_refine.pdbx_method_to_determine_struct          MAD 
_refine.pdbx_isotropic_thermal_model             Isotropic 
_refine.pdbx_stereochemistry_target_values       'Engh & Huber' 
_refine.pdbx_stereochem_target_val_spec_case     ? 
_refine.pdbx_R_Free_selection_details            RANDOM 
_refine.pdbx_overall_ESU_R                       0.318 
_refine.pdbx_overall_ESU_R_Free                  0.219 
_refine.overall_SU_ML                            0.154 
_refine.overall_SU_B                             5.771 
_refine.ls_redundancy_reflns_obs                 ? 
_refine.B_iso_min                                ? 
_refine.B_iso_max                                ? 
_refine.overall_SU_R_Cruickshank_DPI             ? 
_refine.overall_SU_R_free                        ? 
_refine.ls_wR_factor_R_free                      ? 
_refine.ls_wR_factor_R_work                      ? 
_refine.overall_FOM_free_R_set                   ? 
_refine.overall_FOM_work_R_set                   ? 
_refine.pdbx_overall_phase_error                 ? 
_refine.pdbx_refine_id                           'X-RAY DIFFRACTION' 
_refine.pdbx_diffrn_id                           1 
_refine.pdbx_TLS_residual_ADP_flag               ? 
_refine.pdbx_overall_SU_R_free_Cruickshank_DPI   ? 
_refine.pdbx_overall_SU_R_Blow_DPI               ? 
_refine.pdbx_overall_SU_R_free_Blow_DPI          ? 
# 
_refine_hist.pdbx_refine_id                   'X-RAY DIFFRACTION' 
_refine_hist.cycle_id                         LAST 
_refine_hist.pdbx_number_atoms_protein        751 
_refine_hist.pdbx_number_atoms_nucleic_acid   0 
_refine_hist.pdbx_number_atoms_ligand         2 
_refine_hist.number_atoms_solvent             70 
_refine_hist.number_atoms_total               823 
_refine_hist.d_res_high                       2.10 
_refine_hist.d_res_low                        40.74 
# 
loop_
_refine_ls_restr.type 
_refine_ls_restr.dev_ideal 
_refine_ls_restr.dev_ideal_target 
_refine_ls_restr.weight 
_refine_ls_restr.number 
_refine_ls_restr.pdbx_refine_id 
_refine_ls_restr.pdbx_restraint_function 
r_bond_refined_d         0.020  0.022  ? 766  'X-RAY DIFFRACTION' ? 
r_angle_refined_deg      1.606  1.978  ? 1013 'X-RAY DIFFRACTION' ? 
r_dihedral_angle_1_deg   5.487  5.000  ? 96   'X-RAY DIFFRACTION' ? 
r_dihedral_angle_2_deg   34.559 25.625 ? 32   'X-RAY DIFFRACTION' ? 
r_dihedral_angle_3_deg   18.515 15.000 ? 165  'X-RAY DIFFRACTION' ? 
r_dihedral_angle_4_deg   18.897 15.000 ? 6    'X-RAY DIFFRACTION' ? 
r_chiral_restr           0.104  0.200  ? 121  'X-RAY DIFFRACTION' ? 
r_gen_planes_refined     0.006  0.020  ? 528  'X-RAY DIFFRACTION' ? 
r_nbd_refined            0.218  0.200  ? 310  'X-RAY DIFFRACTION' ? 
r_nbtor_refined          0.290  0.200  ? 516  'X-RAY DIFFRACTION' ? 
r_xyhbond_nbd_refined    0.209  0.200  ? 39   'X-RAY DIFFRACTION' ? 
r_symmetry_vdw_refined   0.200  0.200  ? 67   'X-RAY DIFFRACTION' ? 
r_symmetry_hbond_refined 0.109  0.200  ? 15   'X-RAY DIFFRACTION' ? 
r_mcbond_it              1.362  1.500  ? 522  'X-RAY DIFFRACTION' ? 
r_mcangle_it             1.954  2.000  ? 778  'X-RAY DIFFRACTION' ? 
r_scbond_it              2.966  3.000  ? 279  'X-RAY DIFFRACTION' ? 
r_scangle_it             4.394  4.500  ? 234  'X-RAY DIFFRACTION' ? 
# 
_refine_ls_shell.pdbx_total_number_of_bins_used   20 
_refine_ls_shell.d_res_high                       2.10 
_refine_ls_shell.d_res_low                        ? 
_refine_ls_shell.number_reflns_R_work             345 
_refine_ls_shell.R_factor_R_work                  ? 
_refine_ls_shell.percent_reflns_obs               ? 
_refine_ls_shell.R_factor_R_free                  ? 
_refine_ls_shell.R_factor_R_free_error            ? 
_refine_ls_shell.percent_reflns_R_free            ? 
_refine_ls_shell.number_reflns_R_free             ? 
_refine_ls_shell.number_reflns_all                ? 
_refine_ls_shell.R_factor_all                     ? 
_refine_ls_shell.number_reflns_obs                ? 
_refine_ls_shell.redundancy_reflns_obs            ? 
_refine_ls_shell.pdbx_refine_id                   'X-RAY DIFFRACTION' 
# 
_struct.entry_id                  3BBZ 
_struct.title                     'Structure of the nucleocapsid-binding domain from the mumps virus phosphoprotein' 
_struct.pdbx_model_details        ? 
_struct.pdbx_CASP_flag            ? 
_struct.pdbx_model_type_details   ? 
# 
_struct_keywords.entry_id        3BBZ 
_struct_keywords.pdbx_keywords   'VIRAL PROTEIN, REPLICATION' 
_struct_keywords.text            'molten globule, VIRAL PROTEIN, REPLICATION' 
# 
loop_
_struct_asym.id 
_struct_asym.pdbx_blank_PDB_chainid_flag 
_struct_asym.pdbx_modified 
_struct_asym.entity_id 
_struct_asym.details 
A N N 1 ? 
B N N 1 ? 
C N N 2 ? 
D N N 3 ? 
E N N 3 ? 
F N N 3 ? 
G N N 2 ? 
H N N 3 ? 
I N N 3 ? 
J N N 3 ? 
K N N 4 ? 
L N N 4 ? 
# 
_struct_ref.id                         1 
_struct_ref.db_name                    UNP 
_struct_ref.db_code                    Q9J4L6_9PARA 
_struct_ref.pdbx_db_accession          Q9J4L6 
_struct_ref.entity_id                  1 
_struct_ref.pdbx_seq_one_letter_code   AGQKVMITKMITDCVANPQMKQAFEQRLAKASTEDALNDIKRDIIRSAI 
_struct_ref.pdbx_align_begin           343 
_struct_ref.pdbx_db_isoform            ? 
# 
loop_
_struct_ref_seq.align_id 
_struct_ref_seq.ref_id 
_struct_ref_seq.pdbx_PDB_id_code 
_struct_ref_seq.pdbx_strand_id 
_struct_ref_seq.seq_align_beg 
_struct_ref_seq.pdbx_seq_align_beg_ins_code 
_struct_ref_seq.seq_align_end 
_struct_ref_seq.pdbx_seq_align_end_ins_code 
_struct_ref_seq.pdbx_db_accession 
_struct_ref_seq.db_align_beg 
_struct_ref_seq.pdbx_db_align_beg_ins_code 
_struct_ref_seq.db_align_end 
_struct_ref_seq.pdbx_db_align_end_ins_code 
_struct_ref_seq.pdbx_auth_seq_align_beg 
_struct_ref_seq.pdbx_auth_seq_align_end 
1 1 3BBZ A 1 ? 49 ? Q9J4L6 343 ? 391 ? 343 391 
2 1 3BBZ B 1 ? 49 ? Q9J4L6 343 ? 391 ? 343 391 
# 
loop_
_struct_ref_seq_dif.align_id 
_struct_ref_seq_dif.pdbx_pdb_id_code 
_struct_ref_seq_dif.mon_id 
_struct_ref_seq_dif.pdbx_pdb_strand_id 
_struct_ref_seq_dif.seq_num 
_struct_ref_seq_dif.pdbx_pdb_ins_code 
_struct_ref_seq_dif.pdbx_seq_db_name 
_struct_ref_seq_dif.pdbx_seq_db_accession_code 
_struct_ref_seq_dif.db_mon_id 
_struct_ref_seq_dif.pdbx_seq_db_seq_num 
_struct_ref_seq_dif.details 
_struct_ref_seq_dif.pdbx_auth_seq_num 
_struct_ref_seq_dif.pdbx_ordinal 
1 3BBZ SER A 14 ? UNP Q9J4L6 CYS 356 'engineered mutation' 356 1 
2 3BBZ SER B 14 ? UNP Q9J4L6 CYS 356 'engineered mutation' 356 2 
# 
loop_
_pdbx_struct_assembly.id 
_pdbx_struct_assembly.details 
_pdbx_struct_assembly.method_details 
_pdbx_struct_assembly.oligomeric_details 
_pdbx_struct_assembly.oligomeric_count 
1 author_defined_assembly   ?    monomeric 1 
2 author_defined_assembly   ?    monomeric 1 
3 software_defined_assembly PISA dimeric   2 
# 
loop_
_pdbx_struct_assembly_prop.biol_id 
_pdbx_struct_assembly_prop.type 
_pdbx_struct_assembly_prop.value 
_pdbx_struct_assembly_prop.details 
3 'ABSA (A^2)' 2500 ? 
3 MORE         -9   ? 
3 'SSA (A^2)'  5750 ? 
# 
loop_
_pdbx_struct_assembly_gen.assembly_id 
_pdbx_struct_assembly_gen.oper_expression 
_pdbx_struct_assembly_gen.asym_id_list 
1 1 A,C,D,E,F,K 
2 1 B,G,H,I,J,L 
3 1 A,C,D,E,F,K 
3 2 B,G,H,I,J,L 
# 
loop_
_pdbx_struct_oper_list.id 
_pdbx_struct_oper_list.type 
_pdbx_struct_oper_list.name 
_pdbx_struct_oper_list.symmetry_operation 
_pdbx_struct_oper_list.matrix[1][1] 
_pdbx_struct_oper_list.matrix[1][2] 
_pdbx_struct_oper_list.matrix[1][3] 
_pdbx_struct_oper_list.vector[1] 
_pdbx_struct_oper_list.matrix[2][1] 
_pdbx_struct_oper_list.matrix[2][2] 
_pdbx_struct_oper_list.matrix[2][3] 
_pdbx_struct_oper_list.vector[2] 
_pdbx_struct_oper_list.matrix[3][1] 
_pdbx_struct_oper_list.matrix[3][2] 
_pdbx_struct_oper_list.matrix[3][3] 
_pdbx_struct_oper_list.vector[3] 
1 'identity operation'         1_555 x,y,z             1.0000000000 0.0000000000  0.0000000000  0.0000000000   0.0000000000  1.0000000000  0.0000000000 0.0000000000  0.0000000000  0.0000000000 1.0000000000  0.0000000000  
2 'crystal symmetry operation' 3_845 -x+3,y-1/2,-z+1/2 0.6194474016 -0.1358720737 -0.7731905951 -24.3953820977 -0.1358720737 -0.9886002964 0.0648708994 14.3383413003 -0.7731905951 0.0648708994 -0.6308471052 10.9581830014 
# 
loop_
_struct_biol.id 
_struct_biol.details 
1 ? 
2 ? 
# 
loop_
_struct_conf.conf_type_id 
_struct_conf.id 
_struct_conf.pdbx_PDB_helix_id 
_struct_conf.beg_label_comp_id 
_struct_conf.beg_label_asym_id 
_struct_conf.beg_label_seq_id 
_struct_conf.pdbx_beg_PDB_ins_code 
_struct_conf.end_label_comp_id 
_struct_conf.end_label_asym_id 
_struct_conf.end_label_seq_id 
_struct_conf.pdbx_end_PDB_ins_code 
_struct_conf.beg_auth_comp_id 
_struct_conf.beg_auth_asym_id 
_struct_conf.beg_auth_seq_id 
_struct_conf.end_auth_comp_id 
_struct_conf.end_auth_asym_id 
_struct_conf.end_auth_seq_id 
_struct_conf.pdbx_PDB_helix_class 
_struct_conf.details 
_struct_conf.pdbx_PDB_helix_length 
HELX_P HELX_P1 1 GLY A 2  ? VAL A 15 ? GLY A 344 VAL A 357 1 ? 14 
HELX_P HELX_P2 2 ASN A 17 ? LYS A 30 ? ASN A 359 LYS A 372 1 ? 14 
HELX_P HELX_P3 3 THR A 33 ? ALA A 48 ? THR A 375 ALA A 390 1 ? 16 
HELX_P HELX_P4 4 GLY B 2  ? VAL B 15 ? GLY B 344 VAL B 357 1 ? 14 
HELX_P HELX_P5 5 ASN B 17 ? ALA B 31 ? ASN B 359 ALA B 373 1 ? 15 
HELX_P HELX_P6 6 THR B 33 ? ALA B 48 ? THR B 375 ALA B 390 1 ? 16 
# 
_struct_conf_type.id          HELX_P 
_struct_conf_type.criteria    ? 
_struct_conf_type.reference   ? 
# 
loop_
_struct_site.id 
_struct_site.pdbx_evidence_code 
_struct_site.pdbx_auth_asym_id 
_struct_site.pdbx_auth_comp_id 
_struct_site.pdbx_auth_seq_id 
_struct_site.pdbx_auth_ins_code 
_struct_site.pdbx_num_residues 
_struct_site.details 
AC1 Software B BR  64 ? 3 'BINDING SITE FOR RESIDUE BR B 64' 
AC2 Software A FMT 1  ? 4 'BINDING SITE FOR RESIDUE FMT A 1' 
AC3 Software A FMT 4  ? 3 'BINDING SITE FOR RESIDUE FMT A 4' 
AC4 Software A FMT 8  ? 2 'BINDING SITE FOR RESIDUE FMT A 8' 
AC5 Software B FMT 2  ? 4 'BINDING SITE FOR RESIDUE FMT B 2' 
AC6 Software B FMT 3  ? 2 'BINDING SITE FOR RESIDUE FMT B 3' 
AC7 Software B FMT 7  ? 4 'BINDING SITE FOR RESIDUE FMT B 7' 
# 
loop_
_struct_site_gen.id 
_struct_site_gen.site_id 
_struct_site_gen.pdbx_num_res 
_struct_site_gen.label_comp_id 
_struct_site_gen.label_asym_id 
_struct_site_gen.label_seq_id 
_struct_site_gen.pdbx_auth_ins_code 
_struct_site_gen.auth_comp_id 
_struct_site_gen.auth_asym_id 
_struct_site_gen.auth_seq_id 
_struct_site_gen.label_atom_id 
_struct_site_gen.label_alt_id 
_struct_site_gen.symmetry 
_struct_site_gen.details 
1  AC1 3 MET B 6  ? MET B 348 . ? 1_655 ? 
2  AC1 3 ALA B 23 ? ALA B 365 . ? 1_555 ? 
3  AC1 3 HOH L .  ? HOH B 418 . ? 1_555 ? 
4  AC2 4 GLY A 2  ? GLY A 344 . ? 1_555 ? 
5  AC2 4 GLN A 3  ? GLN A 345 . ? 1_555 ? 
6  AC2 4 LYS A 4  ? LYS A 346 . ? 1_555 ? 
7  AC2 4 LYS B 4  ? LYS B 346 . ? 1_555 ? 
8  AC3 3 SER A 14 ? SER A 356 . ? 1_555 ? 
9  AC3 3 ALA A 16 ? ALA A 358 . ? 1_555 ? 
10 AC3 3 ASN A 17 ? ASN A 359 . ? 1_555 ? 
11 AC4 2 ARG A 27 ? ARG A 369 . ? 1_555 ? 
12 AC4 2 ALA A 31 ? ALA A 373 . ? 1_555 ? 
13 AC5 4 LYS A 4  ? LYS A 346 . ? 1_555 ? 
14 AC5 4 GLY B 2  ? GLY B 344 . ? 1_555 ? 
15 AC5 4 GLN B 3  ? GLN B 345 . ? 1_555 ? 
16 AC5 4 LYS B 4  ? LYS B 346 . ? 1_555 ? 
17 AC6 2 ASP B 35 ? ASP B 377 . ? 1_555 ? 
18 AC6 2 ASN B 38 ? ASN B 380 . ? 1_555 ? 
19 AC7 4 GLN A 22 ? GLN A 364 . ? 1_655 ? 
20 AC7 4 PRO B 18 ? PRO B 360 . ? 1_555 ? 
21 AC7 4 LYS B 21 ? LYS B 363 . ? 1_555 ? 
22 AC7 4 GLN B 22 ? GLN B 364 . ? 1_555 ? 
# 
_pdbx_validate_torsion.id              1 
_pdbx_validate_torsion.PDB_model_num   1 
_pdbx_validate_torsion.auth_comp_id    SER 
_pdbx_validate_torsion.auth_asym_id    A 
_pdbx_validate_torsion.auth_seq_id     374 
_pdbx_validate_torsion.PDB_ins_code    ? 
_pdbx_validate_torsion.label_alt_id    ? 
_pdbx_validate_torsion.phi             -145.27 
_pdbx_validate_torsion.psi             -13.84 
# 
loop_
_pdbx_unobs_or_zero_occ_residues.id 
_pdbx_unobs_or_zero_occ_residues.PDB_model_num 
_pdbx_unobs_or_zero_occ_residues.polymer_flag 
_pdbx_unobs_or_zero_occ_residues.occupancy_flag 
_pdbx_unobs_or_zero_occ_residues.auth_asym_id 
_pdbx_unobs_or_zero_occ_residues.auth_comp_id 
_pdbx_unobs_or_zero_occ_residues.auth_seq_id 
_pdbx_unobs_or_zero_occ_residues.PDB_ins_code 
_pdbx_unobs_or_zero_occ_residues.label_asym_id 
_pdbx_unobs_or_zero_occ_residues.label_comp_id 
_pdbx_unobs_or_zero_occ_residues.label_seq_id 
1 1 Y 1 A ALA 343 ? A ALA 1 
2 1 Y 1 B ALA 343 ? B ALA 1 
# 
loop_
_chem_comp_atom.comp_id 
_chem_comp_atom.atom_id 
_chem_comp_atom.type_symbol 
_chem_comp_atom.pdbx_aromatic_flag 
_chem_comp_atom.pdbx_stereo_config 
_chem_comp_atom.pdbx_ordinal 
ALA N    N  N N 1   
ALA CA   C  N S 2   
ALA C    C  N N 3   
ALA O    O  N N 4   
ALA CB   C  N N 5   
ALA OXT  O  N N 6   
ALA H    H  N N 7   
ALA H2   H  N N 8   
ALA HA   H  N N 9   
ALA HB1  H  N N 10  
ALA HB2  H  N N 11  
ALA HB3  H  N N 12  
ALA HXT  H  N N 13  
ARG N    N  N N 14  
ARG CA   C  N S 15  
ARG C    C  N N 16  
ARG O    O  N N 17  
ARG CB   C  N N 18  
ARG CG   C  N N 19  
ARG CD   C  N N 20  
ARG NE   N  N N 21  
ARG CZ   C  N N 22  
ARG NH1  N  N N 23  
ARG NH2  N  N N 24  
ARG OXT  O  N N 25  
ARG H    H  N N 26  
ARG H2   H  N N 27  
ARG HA   H  N N 28  
ARG HB2  H  N N 29  
ARG HB3  H  N N 30  
ARG HG2  H  N N 31  
ARG HG3  H  N N 32  
ARG HD2  H  N N 33  
ARG HD3  H  N N 34  
ARG HE   H  N N 35  
ARG HH11 H  N N 36  
ARG HH12 H  N N 37  
ARG HH21 H  N N 38  
ARG HH22 H  N N 39  
ARG HXT  H  N N 40  
ASN N    N  N N 41  
ASN CA   C  N S 42  
ASN C    C  N N 43  
ASN O    O  N N 44  
ASN CB   C  N N 45  
ASN CG   C  N N 46  
ASN OD1  O  N N 47  
ASN ND2  N  N N 48  
ASN OXT  O  N N 49  
ASN H    H  N N 50  
ASN H2   H  N N 51  
ASN HA   H  N N 52  
ASN HB2  H  N N 53  
ASN HB3  H  N N 54  
ASN HD21 H  N N 55  
ASN HD22 H  N N 56  
ASN HXT  H  N N 57  
ASP N    N  N N 58  
ASP CA   C  N S 59  
ASP C    C  N N 60  
ASP O    O  N N 61  
ASP CB   C  N N 62  
ASP CG   C  N N 63  
ASP OD1  O  N N 64  
ASP OD2  O  N N 65  
ASP OXT  O  N N 66  
ASP H    H  N N 67  
ASP H2   H  N N 68  
ASP HA   H  N N 69  
ASP HB2  H  N N 70  
ASP HB3  H  N N 71  
ASP HD2  H  N N 72  
ASP HXT  H  N N 73  
BR  BR   BR N N 74  
CYS N    N  N N 75  
CYS CA   C  N R 76  
CYS C    C  N N 77  
CYS O    O  N N 78  
CYS CB   C  N N 79  
CYS SG   S  N N 80  
CYS OXT  O  N N 81  
CYS H    H  N N 82  
CYS H2   H  N N 83  
CYS HA   H  N N 84  
CYS HB2  H  N N 85  
CYS HB3  H  N N 86  
CYS HG   H  N N 87  
CYS HXT  H  N N 88  
FMT C    C  N N 89  
FMT O1   O  N N 90  
FMT O2   O  N N 91  
FMT H    H  N N 92  
FMT HO2  H  N N 93  
GLN N    N  N N 94  
GLN CA   C  N S 95  
GLN C    C  N N 96  
GLN O    O  N N 97  
GLN CB   C  N N 98  
GLN CG   C  N N 99  
GLN CD   C  N N 100 
GLN OE1  O  N N 101 
GLN NE2  N  N N 102 
GLN OXT  O  N N 103 
GLN H    H  N N 104 
GLN H2   H  N N 105 
GLN HA   H  N N 106 
GLN HB2  H  N N 107 
GLN HB3  H  N N 108 
GLN HG2  H  N N 109 
GLN HG3  H  N N 110 
GLN HE21 H  N N 111 
GLN HE22 H  N N 112 
GLN HXT  H  N N 113 
GLU N    N  N N 114 
GLU CA   C  N S 115 
GLU C    C  N N 116 
GLU O    O  N N 117 
GLU CB   C  N N 118 
GLU CG   C  N N 119 
GLU CD   C  N N 120 
GLU OE1  O  N N 121 
GLU OE2  O  N N 122 
GLU OXT  O  N N 123 
GLU H    H  N N 124 
GLU H2   H  N N 125 
GLU HA   H  N N 126 
GLU HB2  H  N N 127 
GLU HB3  H  N N 128 
GLU HG2  H  N N 129 
GLU HG3  H  N N 130 
GLU HE2  H  N N 131 
GLU HXT  H  N N 132 
GLY N    N  N N 133 
GLY CA   C  N N 134 
GLY C    C  N N 135 
GLY O    O  N N 136 
GLY OXT  O  N N 137 
GLY H    H  N N 138 
GLY H2   H  N N 139 
GLY HA2  H  N N 140 
GLY HA3  H  N N 141 
GLY HXT  H  N N 142 
HOH O    O  N N 143 
HOH H1   H  N N 144 
HOH H2   H  N N 145 
ILE N    N  N N 146 
ILE CA   C  N S 147 
ILE C    C  N N 148 
ILE O    O  N N 149 
ILE CB   C  N S 150 
ILE CG1  C  N N 151 
ILE CG2  C  N N 152 
ILE CD1  C  N N 153 
ILE OXT  O  N N 154 
ILE H    H  N N 155 
ILE H2   H  N N 156 
ILE HA   H  N N 157 
ILE HB   H  N N 158 
ILE HG12 H  N N 159 
ILE HG13 H  N N 160 
ILE HG21 H  N N 161 
ILE HG22 H  N N 162 
ILE HG23 H  N N 163 
ILE HD11 H  N N 164 
ILE HD12 H  N N 165 
ILE HD13 H  N N 166 
ILE HXT  H  N N 167 
LEU N    N  N N 168 
LEU CA   C  N S 169 
LEU C    C  N N 170 
LEU O    O  N N 171 
LEU CB   C  N N 172 
LEU CG   C  N N 173 
LEU CD1  C  N N 174 
LEU CD2  C  N N 175 
LEU OXT  O  N N 176 
LEU H    H  N N 177 
LEU H2   H  N N 178 
LEU HA   H  N N 179 
LEU HB2  H  N N 180 
LEU HB3  H  N N 181 
LEU HG   H  N N 182 
LEU HD11 H  N N 183 
LEU HD12 H  N N 184 
LEU HD13 H  N N 185 
LEU HD21 H  N N 186 
LEU HD22 H  N N 187 
LEU HD23 H  N N 188 
LEU HXT  H  N N 189 
LYS N    N  N N 190 
LYS CA   C  N S 191 
LYS C    C  N N 192 
LYS O    O  N N 193 
LYS CB   C  N N 194 
LYS CG   C  N N 195 
LYS CD   C  N N 196 
LYS CE   C  N N 197 
LYS NZ   N  N N 198 
LYS OXT  O  N N 199 
LYS H    H  N N 200 
LYS H2   H  N N 201 
LYS HA   H  N N 202 
LYS HB2  H  N N 203 
LYS HB3  H  N N 204 
LYS HG2  H  N N 205 
LYS HG3  H  N N 206 
LYS HD2  H  N N 207 
LYS HD3  H  N N 208 
LYS HE2  H  N N 209 
LYS HE3  H  N N 210 
LYS HZ1  H  N N 211 
LYS HZ2  H  N N 212 
LYS HZ3  H  N N 213 
LYS HXT  H  N N 214 
MET N    N  N N 215 
MET CA   C  N S 216 
MET C    C  N N 217 
MET O    O  N N 218 
MET CB   C  N N 219 
MET CG   C  N N 220 
MET SD   S  N N 221 
MET CE   C  N N 222 
MET OXT  O  N N 223 
MET H    H  N N 224 
MET H2   H  N N 225 
MET HA   H  N N 226 
MET HB2  H  N N 227 
MET HB3  H  N N 228 
MET HG2  H  N N 229 
MET HG3  H  N N 230 
MET HE1  H  N N 231 
MET HE2  H  N N 232 
MET HE3  H  N N 233 
MET HXT  H  N N 234 
PHE N    N  N N 235 
PHE CA   C  N S 236 
PHE C    C  N N 237 
PHE O    O  N N 238 
PHE CB   C  N N 239 
PHE CG   C  Y N 240 
PHE CD1  C  Y N 241 
PHE CD2  C  Y N 242 
PHE CE1  C  Y N 243 
PHE CE2  C  Y N 244 
PHE CZ   C  Y N 245 
PHE OXT  O  N N 246 
PHE H    H  N N 247 
PHE H2   H  N N 248 
PHE HA   H  N N 249 
PHE HB2  H  N N 250 
PHE HB3  H  N N 251 
PHE HD1  H  N N 252 
PHE HD2  H  N N 253 
PHE HE1  H  N N 254 
PHE HE2  H  N N 255 
PHE HZ   H  N N 256 
PHE HXT  H  N N 257 
PRO N    N  N N 258 
PRO CA   C  N S 259 
PRO C    C  N N 260 
PRO O    O  N N 261 
PRO CB   C  N N 262 
PRO CG   C  N N 263 
PRO CD   C  N N 264 
PRO OXT  O  N N 265 
PRO H    H  N N 266 
PRO HA   H  N N 267 
PRO HB2  H  N N 268 
PRO HB3  H  N N 269 
PRO HG2  H  N N 270 
PRO HG3  H  N N 271 
PRO HD2  H  N N 272 
PRO HD3  H  N N 273 
PRO HXT  H  N N 274 
SER N    N  N N 275 
SER CA   C  N S 276 
SER C    C  N N 277 
SER O    O  N N 278 
SER CB   C  N N 279 
SER OG   O  N N 280 
SER OXT  O  N N 281 
SER H    H  N N 282 
SER H2   H  N N 283 
SER HA   H  N N 284 
SER HB2  H  N N 285 
SER HB3  H  N N 286 
SER HG   H  N N 287 
SER HXT  H  N N 288 
THR N    N  N N 289 
THR CA   C  N S 290 
THR C    C  N N 291 
THR O    O  N N 292 
THR CB   C  N R 293 
THR OG1  O  N N 294 
THR CG2  C  N N 295 
THR OXT  O  N N 296 
THR H    H  N N 297 
THR H2   H  N N 298 
THR HA   H  N N 299 
THR HB   H  N N 300 
THR HG1  H  N N 301 
THR HG21 H  N N 302 
THR HG22 H  N N 303 
THR HG23 H  N N 304 
THR HXT  H  N N 305 
VAL N    N  N N 306 
VAL CA   C  N S 307 
VAL C    C  N N 308 
VAL O    O  N N 309 
VAL CB   C  N N 310 
VAL CG1  C  N N 311 
VAL CG2  C  N N 312 
VAL OXT  O  N N 313 
VAL H    H  N N 314 
VAL H2   H  N N 315 
VAL HA   H  N N 316 
VAL HB   H  N N 317 
VAL HG11 H  N N 318 
VAL HG12 H  N N 319 
VAL HG13 H  N N 320 
VAL HG21 H  N N 321 
VAL HG22 H  N N 322 
VAL HG23 H  N N 323 
VAL HXT  H  N N 324 
# 
loop_
_chem_comp_bond.comp_id 
_chem_comp_bond.atom_id_1 
_chem_comp_bond.atom_id_2 
_chem_comp_bond.value_order 
_chem_comp_bond.pdbx_aromatic_flag 
_chem_comp_bond.pdbx_stereo_config 
_chem_comp_bond.pdbx_ordinal 
ALA N   CA   sing N N 1   
ALA N   H    sing N N 2   
ALA N   H2   sing N N 3   
ALA CA  C    sing N N 4   
ALA CA  CB   sing N N 5   
ALA CA  HA   sing N N 6   
ALA C   O    doub N N 7   
ALA C   OXT  sing N N 8   
ALA CB  HB1  sing N N 9   
ALA CB  HB2  sing N N 10  
ALA CB  HB3  sing N N 11  
ALA OXT HXT  sing N N 12  
ARG N   CA   sing N N 13  
ARG N   H    sing N N 14  
ARG N   H2   sing N N 15  
ARG CA  C    sing N N 16  
ARG CA  CB   sing N N 17  
ARG CA  HA   sing N N 18  
ARG C   O    doub N N 19  
ARG C   OXT  sing N N 20  
ARG CB  CG   sing N N 21  
ARG CB  HB2  sing N N 22  
ARG CB  HB3  sing N N 23  
ARG CG  CD   sing N N 24  
ARG CG  HG2  sing N N 25  
ARG CG  HG3  sing N N 26  
ARG CD  NE   sing N N 27  
ARG CD  HD2  sing N N 28  
ARG CD  HD3  sing N N 29  
ARG NE  CZ   sing N N 30  
ARG NE  HE   sing N N 31  
ARG CZ  NH1  sing N N 32  
ARG CZ  NH2  doub N N 33  
ARG NH1 HH11 sing N N 34  
ARG NH1 HH12 sing N N 35  
ARG NH2 HH21 sing N N 36  
ARG NH2 HH22 sing N N 37  
ARG OXT HXT  sing N N 38  
ASN N   CA   sing N N 39  
ASN N   H    sing N N 40  
ASN N   H2   sing N N 41  
ASN CA  C    sing N N 42  
ASN CA  CB   sing N N 43  
ASN CA  HA   sing N N 44  
ASN C   O    doub N N 45  
ASN C   OXT  sing N N 46  
ASN CB  CG   sing N N 47  
ASN CB  HB2  sing N N 48  
ASN CB  HB3  sing N N 49  
ASN CG  OD1  doub N N 50  
ASN CG  ND2  sing N N 51  
ASN ND2 HD21 sing N N 52  
ASN ND2 HD22 sing N N 53  
ASN OXT HXT  sing N N 54  
ASP N   CA   sing N N 55  
ASP N   H    sing N N 56  
ASP N   H2   sing N N 57  
ASP CA  C    sing N N 58  
ASP CA  CB   sing N N 59  
ASP CA  HA   sing N N 60  
ASP C   O    doub N N 61  
ASP C   OXT  sing N N 62  
ASP CB  CG   sing N N 63  
ASP CB  HB2  sing N N 64  
ASP CB  HB3  sing N N 65  
ASP CG  OD1  doub N N 66  
ASP CG  OD2  sing N N 67  
ASP OD2 HD2  sing N N 68  
ASP OXT HXT  sing N N 69  
CYS N   CA   sing N N 70  
CYS N   H    sing N N 71  
CYS N   H2   sing N N 72  
CYS CA  C    sing N N 73  
CYS CA  CB   sing N N 74  
CYS CA  HA   sing N N 75  
CYS C   O    doub N N 76  
CYS C   OXT  sing N N 77  
CYS CB  SG   sing N N 78  
CYS CB  HB2  sing N N 79  
CYS CB  HB3  sing N N 80  
CYS SG  HG   sing N N 81  
CYS OXT HXT  sing N N 82  
FMT C   O1   doub N N 83  
FMT C   O2   sing N N 84  
FMT C   H    sing N N 85  
FMT O2  HO2  sing N N 86  
GLN N   CA   sing N N 87  
GLN N   H    sing N N 88  
GLN N   H2   sing N N 89  
GLN CA  C    sing N N 90  
GLN CA  CB   sing N N 91  
GLN CA  HA   sing N N 92  
GLN C   O    doub N N 93  
GLN C   OXT  sing N N 94  
GLN CB  CG   sing N N 95  
GLN CB  HB2  sing N N 96  
GLN CB  HB3  sing N N 97  
GLN CG  CD   sing N N 98  
GLN CG  HG2  sing N N 99  
GLN CG  HG3  sing N N 100 
GLN CD  OE1  doub N N 101 
GLN CD  NE2  sing N N 102 
GLN NE2 HE21 sing N N 103 
GLN NE2 HE22 sing N N 104 
GLN OXT HXT  sing N N 105 
GLU N   CA   sing N N 106 
GLU N   H    sing N N 107 
GLU N   H2   sing N N 108 
GLU CA  C    sing N N 109 
GLU CA  CB   sing N N 110 
GLU CA  HA   sing N N 111 
GLU C   O    doub N N 112 
GLU C   OXT  sing N N 113 
GLU CB  CG   sing N N 114 
GLU CB  HB2  sing N N 115 
GLU CB  HB3  sing N N 116 
GLU CG  CD   sing N N 117 
GLU CG  HG2  sing N N 118 
GLU CG  HG3  sing N N 119 
GLU CD  OE1  doub N N 120 
GLU CD  OE2  sing N N 121 
GLU OE2 HE2  sing N N 122 
GLU OXT HXT  sing N N 123 
GLY N   CA   sing N N 124 
GLY N   H    sing N N 125 
GLY N   H2   sing N N 126 
GLY CA  C    sing N N 127 
GLY CA  HA2  sing N N 128 
GLY CA  HA3  sing N N 129 
GLY C   O    doub N N 130 
GLY C   OXT  sing N N 131 
GLY OXT HXT  sing N N 132 
HOH O   H1   sing N N 133 
HOH O   H2   sing N N 134 
ILE N   CA   sing N N 135 
ILE N   H    sing N N 136 
ILE N   H2   sing N N 137 
ILE CA  C    sing N N 138 
ILE CA  CB   sing N N 139 
ILE CA  HA   sing N N 140 
ILE C   O    doub N N 141 
ILE C   OXT  sing N N 142 
ILE CB  CG1  sing N N 143 
ILE CB  CG2  sing N N 144 
ILE CB  HB   sing N N 145 
ILE CG1 CD1  sing N N 146 
ILE CG1 HG12 sing N N 147 
ILE CG1 HG13 sing N N 148 
ILE CG2 HG21 sing N N 149 
ILE CG2 HG22 sing N N 150 
ILE CG2 HG23 sing N N 151 
ILE CD1 HD11 sing N N 152 
ILE CD1 HD12 sing N N 153 
ILE CD1 HD13 sing N N 154 
ILE OXT HXT  sing N N 155 
LEU N   CA   sing N N 156 
LEU N   H    sing N N 157 
LEU N   H2   sing N N 158 
LEU CA  C    sing N N 159 
LEU CA  CB   sing N N 160 
LEU CA  HA   sing N N 161 
LEU C   O    doub N N 162 
LEU C   OXT  sing N N 163 
LEU CB  CG   sing N N 164 
LEU CB  HB2  sing N N 165 
LEU CB  HB3  sing N N 166 
LEU CG  CD1  sing N N 167 
LEU CG  CD2  sing N N 168 
LEU CG  HG   sing N N 169 
LEU CD1 HD11 sing N N 170 
LEU CD1 HD12 sing N N 171 
LEU CD1 HD13 sing N N 172 
LEU CD2 HD21 sing N N 173 
LEU CD2 HD22 sing N N 174 
LEU CD2 HD23 sing N N 175 
LEU OXT HXT  sing N N 176 
LYS N   CA   sing N N 177 
LYS N   H    sing N N 178 
LYS N   H2   sing N N 179 
LYS CA  C    sing N N 180 
LYS CA  CB   sing N N 181 
LYS CA  HA   sing N N 182 
LYS C   O    doub N N 183 
LYS C   OXT  sing N N 184 
LYS CB  CG   sing N N 185 
LYS CB  HB2  sing N N 186 
LYS CB  HB3  sing N N 187 
LYS CG  CD   sing N N 188 
LYS CG  HG2  sing N N 189 
LYS CG  HG3  sing N N 190 
LYS CD  CE   sing N N 191 
LYS CD  HD2  sing N N 192 
LYS CD  HD3  sing N N 193 
LYS CE  NZ   sing N N 194 
LYS CE  HE2  sing N N 195 
LYS CE  HE3  sing N N 196 
LYS NZ  HZ1  sing N N 197 
LYS NZ  HZ2  sing N N 198 
LYS NZ  HZ3  sing N N 199 
LYS OXT HXT  sing N N 200 
MET N   CA   sing N N 201 
MET N   H    sing N N 202 
MET N   H2   sing N N 203 
MET CA  C    sing N N 204 
MET CA  CB   sing N N 205 
MET CA  HA   sing N N 206 
MET C   O    doub N N 207 
MET C   OXT  sing N N 208 
MET CB  CG   sing N N 209 
MET CB  HB2  sing N N 210 
MET CB  HB3  sing N N 211 
MET CG  SD   sing N N 212 
MET CG  HG2  sing N N 213 
MET CG  HG3  sing N N 214 
MET SD  CE   sing N N 215 
MET CE  HE1  sing N N 216 
MET CE  HE2  sing N N 217 
MET CE  HE3  sing N N 218 
MET OXT HXT  sing N N 219 
PHE N   CA   sing N N 220 
PHE N   H    sing N N 221 
PHE N   H2   sing N N 222 
PHE CA  C    sing N N 223 
PHE CA  CB   sing N N 224 
PHE CA  HA   sing N N 225 
PHE C   O    doub N N 226 
PHE C   OXT  sing N N 227 
PHE CB  CG   sing N N 228 
PHE CB  HB2  sing N N 229 
PHE CB  HB3  sing N N 230 
PHE CG  CD1  doub Y N 231 
PHE CG  CD2  sing Y N 232 
PHE CD1 CE1  sing Y N 233 
PHE CD1 HD1  sing N N 234 
PHE CD2 CE2  doub Y N 235 
PHE CD2 HD2  sing N N 236 
PHE CE1 CZ   doub Y N 237 
PHE CE1 HE1  sing N N 238 
PHE CE2 CZ   sing Y N 239 
PHE CE2 HE2  sing N N 240 
PHE CZ  HZ   sing N N 241 
PHE OXT HXT  sing N N 242 
PRO N   CA   sing N N 243 
PRO N   CD   sing N N 244 
PRO N   H    sing N N 245 
PRO CA  C    sing N N 246 
PRO CA  CB   sing N N 247 
PRO CA  HA   sing N N 248 
PRO C   O    doub N N 249 
PRO C   OXT  sing N N 250 
PRO CB  CG   sing N N 251 
PRO CB  HB2  sing N N 252 
PRO CB  HB3  sing N N 253 
PRO CG  CD   sing N N 254 
PRO CG  HG2  sing N N 255 
PRO CG  HG3  sing N N 256 
PRO CD  HD2  sing N N 257 
PRO CD  HD3  sing N N 258 
PRO OXT HXT  sing N N 259 
SER N   CA   sing N N 260 
SER N   H    sing N N 261 
SER N   H2   sing N N 262 
SER CA  C    sing N N 263 
SER CA  CB   sing N N 264 
SER CA  HA   sing N N 265 
SER C   O    doub N N 266 
SER C   OXT  sing N N 267 
SER CB  OG   sing N N 268 
SER CB  HB2  sing N N 269 
SER CB  HB3  sing N N 270 
SER OG  HG   sing N N 271 
SER OXT HXT  sing N N 272 
THR N   CA   sing N N 273 
THR N   H    sing N N 274 
THR N   H2   sing N N 275 
THR CA  C    sing N N 276 
THR CA  CB   sing N N 277 
THR CA  HA   sing N N 278 
THR C   O    doub N N 279 
THR C   OXT  sing N N 280 
THR CB  OG1  sing N N 281 
THR CB  CG2  sing N N 282 
THR CB  HB   sing N N 283 
THR OG1 HG1  sing N N 284 
THR CG2 HG21 sing N N 285 
THR CG2 HG22 sing N N 286 
THR CG2 HG23 sing N N 287 
THR OXT HXT  sing N N 288 
VAL N   CA   sing N N 289 
VAL N   H    sing N N 290 
VAL N   H2   sing N N 291 
VAL CA  C    sing N N 292 
VAL CA  CB   sing N N 293 
VAL CA  HA   sing N N 294 
VAL C   O    doub N N 295 
VAL C   OXT  sing N N 296 
VAL CB  CG1  sing N N 297 
VAL CB  CG2  sing N N 298 
VAL CB  HB   sing N N 299 
VAL CG1 HG11 sing N N 300 
VAL CG1 HG12 sing N N 301 
VAL CG1 HG13 sing N N 302 
VAL CG2 HG21 sing N N 303 
VAL CG2 HG22 sing N N 304 
VAL CG2 HG23 sing N N 305 
VAL OXT HXT  sing N N 306 
# 
_atom_sites.entry_id                    3BBZ 
_atom_sites.fract_transf_matrix[1][1]   -0.00600101 
_atom_sites.fract_transf_matrix[1][2]   -0.04089399 
_atom_sites.fract_transf_matrix[1][3]   -0.00538285 
_atom_sites.fract_transf_matrix[2][1]   0.01621793 
_atom_sites.fract_transf_matrix[2][2]   -0.00136069 
_atom_sites.fract_transf_matrix[2][3]   -0.00774311 
_atom_sites.fract_transf_matrix[3][1]   0.00686036 
_atom_sites.fract_transf_matrix[3][2]   -0.00296673 
_atom_sites.fract_transf_matrix[3][3]   0.01489036 
_atom_sites.fract_transf_vector[1]      1.749486 
_atom_sites.fract_transf_vector[2]      0.201238 
_atom_sites.fract_transf_vector[3]      0.273358 
# 
loop_
_atom_type.symbol 
BR 
C  
N  
O  
S  
# 
loop_
_atom_site.group_PDB 
_atom_site.id 
_atom_site.type_symbol 
_atom_site.label_atom_id 
_atom_site.label_alt_id 
_atom_site.label_comp_id 
_atom_site.label_asym_id 
_atom_site.label_entity_id 
_atom_site.label_seq_id 
_atom_site.pdbx_PDB_ins_code 
_atom_site.Cartn_x 
_atom_site.Cartn_y 
_atom_site.Cartn_z 
_atom_site.occupancy 
_atom_site.B_iso_or_equiv 
_atom_site.pdbx_formal_charge 
_atom_site.auth_seq_id 
_atom_site.auth_comp_id 
_atom_site.auth_asym_id 
_atom_site.auth_atom_id 
_atom_site.pdbx_PDB_model_num 
ATOM   1   N  N   . GLY A 1 2  ? -0.874  -7.919  7.733   1.00 18.98 ? 344 GLY A N   1 
ATOM   2   C  CA  . GLY A 1 2  ? -0.365  -7.070  6.580   1.00 17.48 ? 344 GLY A CA  1 
ATOM   3   C  C   . GLY A 1 2  ? -1.274  -5.879  6.248   1.00 16.48 ? 344 GLY A C   1 
ATOM   4   O  O   . GLY A 1 2  ? -1.490  -5.549  5.071   1.00 15.68 ? 344 GLY A O   1 
ATOM   5   N  N   . GLN A 1 3  ? -1.753  -5.212  7.299   1.00 15.03 ? 345 GLN A N   1 
ATOM   6   C  CA  . GLN A 1 3  ? -2.760  -4.171  7.199   1.00 13.70 ? 345 GLN A CA  1 
ATOM   7   C  C   . GLN A 1 3  ? -2.398  -2.947  6.366   1.00 11.49 ? 345 GLN A C   1 
ATOM   8   O  O   . GLN A 1 3  ? -3.250  -2.407  5.726   1.00 12.19 ? 345 GLN A O   1 
ATOM   9   C  CB  . GLN A 1 3  ? -3.213  -3.725  8.588   1.00 14.03 ? 345 GLN A CB  1 
ATOM   10  C  CG  . GLN A 1 3  ? -4.324  -4.592  9.163   1.00 17.51 ? 345 GLN A CG  1 
ATOM   11  C  CD  . GLN A 1 3  ? -5.653  -4.516  8.371   1.00 21.74 ? 345 GLN A CD  1 
ATOM   12  O  OE1 . GLN A 1 3  ? -6.532  -3.760  8.734   1.00 24.19 ? 345 GLN A OE1 1 
ATOM   13  N  NE2 . GLN A 1 3  ? -5.803  -5.339  7.321   1.00 22.44 ? 345 GLN A NE2 1 
ATOM   14  N  N   . LYS A 1 4  ? -1.162  -2.505  6.360   1.00 9.13  ? 346 LYS A N   1 
ATOM   15  C  CA  . LYS A 1 4  ? -0.843  -1.315  5.578   1.00 8.80  ? 346 LYS A CA  1 
ATOM   16  C  C   . LYS A 1 4  ? -0.971  -1.492  4.079   1.00 6.69  ? 346 LYS A C   1 
ATOM   17  O  O   . LYS A 1 4  ? -1.324  -0.543  3.397   1.00 7.98  ? 346 LYS A O   1 
ATOM   18  C  CB  . LYS A 1 4  ? 0.540   -0.752  5.912   1.00 7.64  ? 346 LYS A CB  1 
ATOM   19  C  CG  . LYS A 1 4  ? 0.634   -0.314  7.324   1.00 11.13 ? 346 LYS A CG  1 
ATOM   20  C  CD  . LYS A 1 4  ? 0.570   1.176   7.421   1.00 13.29 ? 346 LYS A CD  1 
ATOM   21  C  CE  . LYS A 1 4  ? 1.445   1.500   8.573   1.00 13.72 ? 346 LYS A CE  1 
ATOM   22  N  NZ  . LYS A 1 4  ? 1.956   2.836   8.483   1.00 10.22 ? 346 LYS A NZ  1 
ATOM   23  N  N   . VAL A 1 5  ? -0.627  -2.664  3.578   1.00 5.09  ? 347 VAL A N   1 
ATOM   24  C  CA  . VAL A 1 5  ? -0.793  -3.005  2.151   1.00 3.61  ? 347 VAL A CA  1 
ATOM   25  C  C   . VAL A 1 5  ? -2.276  -3.067  1.845   1.00 3.31  ? 347 VAL A C   1 
ATOM   26  O  O   . VAL A 1 5  ? -2.723  -2.439  0.899   1.00 2.00  ? 347 VAL A O   1 
ATOM   27  C  CB  . VAL A 1 5  ? -0.111  -4.334  1.782   1.00 3.15  ? 347 VAL A CB  1 
ATOM   28  C  CG1 . VAL A 1 5  ? -0.307  -4.707  0.287   1.00 2.41  ? 347 VAL A CG1 1 
ATOM   29  C  CG2 . VAL A 1 5  ? 1.393   -4.253  2.177   1.00 2.00  ? 347 VAL A CG2 1 
ATOM   30  N  N   . MET A 1 6  ? -3.025  -3.798  2.680   1.00 4.42  ? 348 MET A N   1 
ATOM   31  C  CA  . MET A 1 6  ? -4.477  -3.928  2.548   1.00 4.43  ? 348 MET A CA  1 
ATOM   32  C  C   . MET A 1 6  ? -5.174  -2.578  2.537   1.00 3.20  ? 348 MET A C   1 
ATOM   33  O  O   . MET A 1 6  ? -6.001  -2.324  1.660   1.00 2.98  ? 348 MET A O   1 
ATOM   34  C  CB  . MET A 1 6  ? -5.050  -4.775  3.705   1.00 6.22  ? 348 MET A CB  1 
ATOM   35  C  CG  . MET A 1 6  ? -4.769  -6.273  3.680   1.00 8.41  ? 348 MET A CG  1 
ATOM   36  S  SD  . MET A 1 6  ? -4.891  -7.017  2.034   1.00 19.19 ? 348 MET A SD  1 
ATOM   37  C  CE  . MET A 1 6  ? -3.186  -6.954  1.431   1.00 15.52 ? 348 MET A CE  1 
ATOM   38  N  N   . ILE A 1 7  ? -4.861  -1.710  3.511   1.00 2.30  ? 349 ILE A N   1 
ATOM   39  C  CA  . ILE A 1 7  ? -5.500  -0.363  3.591   1.00 2.00  ? 349 ILE A CA  1 
ATOM   40  C  C   . ILE A 1 7  ? -5.026  0.540   2.458   1.00 2.41  ? 349 ILE A C   1 
ATOM   41  O  O   . ILE A 1 7  ? -5.830  1.326   1.961   1.00 2.95  ? 349 ILE A O   1 
ATOM   42  C  CB  . ILE A 1 7  ? -5.367  0.315   4.991   1.00 2.00  ? 349 ILE A CB  1 
ATOM   43  C  CG1 . ILE A 1 7  ? -5.906  -0.618  6.105   1.00 2.00  ? 349 ILE A CG1 1 
ATOM   44  C  CG2 . ILE A 1 7  ? -6.084  1.704   5.051   1.00 2.00  ? 349 ILE A CG2 1 
ATOM   45  C  CD1 . ILE A 1 7  ? -5.347  -0.267  7.532   1.00 2.50  ? 349 ILE A CD1 1 
ATOM   46  N  N   . THR A 1 8  ? -3.774  0.417   1.993   1.00 2.00  ? 350 THR A N   1 
ATOM   47  C  CA  . THR A 1 8  ? -3.377  1.174   0.798   1.00 3.51  ? 350 THR A CA  1 
ATOM   48  C  C   . THR A 1 8  ? -4.227  0.762   -0.411  1.00 4.52  ? 350 THR A C   1 
ATOM   49  O  O   . THR A 1 8  ? -4.640  1.613   -1.156  1.00 4.19  ? 350 THR A O   1 
ATOM   50  C  CB  . THR A 1 8  ? -1.894  1.092   0.454   1.00 3.06  ? 350 THR A CB  1 
ATOM   51  O  OG1 . THR A 1 8  ? -1.142  1.469   1.599   1.00 6.09  ? 350 THR A OG1 1 
ATOM   52  C  CG2 . THR A 1 8  ? -1.524  2.030   -0.713  1.00 3.14  ? 350 THR A CG2 1 
ATOM   53  N  N   . LYS A 1 9  ? -4.515  -0.540  -0.556  1.00 4.97  ? 351 LYS A N   1 
ATOM   54  C  CA  . LYS A 1 9  ? -5.372  -1.015  -1.643  1.00 5.06  ? 351 LYS A CA  1 
ATOM   55  C  C   . LYS A 1 9  ? -6.797  -0.584  -1.457  1.00 5.65  ? 351 LYS A C   1 
ATOM   56  O  O   . LYS A 1 9  ? -7.476  -0.277  -2.454  1.00 5.44  ? 351 LYS A O   1 
ATOM   57  C  CB  . LYS A 1 9  ? -5.284  -2.541  -1.767  1.00 5.56  ? 351 LYS A CB  1 
ATOM   58  C  CG  . LYS A 1 9  ? -3.843  -3.013  -2.119  1.00 3.66  ? 351 LYS A CG  1 
ATOM   59  C  CD  . LYS A 1 9  ? -3.709  -4.459  -2.340  1.00 5.78  ? 351 LYS A CD  1 
ATOM   60  C  CE  . LYS A 1 9  ? -4.451  -4.915  -3.639  1.00 11.31 ? 351 LYS A CE  1 
ATOM   61  N  NZ  . LYS A 1 9  ? -4.068  -4.127  -4.856  1.00 16.56 ? 351 LYS A NZ  1 
ATOM   62  N  N   . MET A 1 10 ? -7.267  -0.537  -0.209  1.00 5.38  ? 352 MET A N   1 
ATOM   63  C  CA  . MET A 1 10 ? -8.590  0.037   0.057   1.00 7.95  ? 352 MET A CA  1 
ATOM   64  C  C   . MET A 1 10 ? -8.739  1.449   -0.454  1.00 5.52  ? 352 MET A C   1 
ATOM   65  O  O   . MET A 1 10 ? -9.758  1.811   -1.009  1.00 5.78  ? 352 MET A O   1 
ATOM   66  C  CB  . MET A 1 10 ? -8.990  -0.012  1.538   1.00 7.54  ? 352 MET A CB  1 
ATOM   67  C  CG  . MET A 1 10 ? -9.346  -1.402  2.020   1.00 9.24  ? 352 MET A CG  1 
ATOM   68  S  SD  . MET A 1 10 ? -9.674  -1.308  3.778   1.00 15.49 ? 352 MET A SD  1 
ATOM   69  C  CE  . MET A 1 10 ? -9.494  -2.986  4.254   1.00 13.19 ? 352 MET A CE  1 
ATOM   70  N  N   . ILE A 1 11 ? -7.720  2.250   -0.250  1.00 5.94  ? 353 ILE A N   1 
ATOM   71  C  CA  . ILE A 1 11 ? -7.774  3.647   -0.616  1.00 5.51  ? 353 ILE A CA  1 
ATOM   72  C  C   . ILE A 1 11 ? -7.826  3.754   -2.135  1.00 7.21  ? 353 ILE A C   1 
ATOM   73  O  O   . ILE A 1 11 ? -8.684  4.439   -2.693  1.00 8.46  ? 353 ILE A O   1 
ATOM   74  C  CB  . ILE A 1 11 ? -6.532  4.422   -0.070  1.00 4.78  ? 353 ILE A CB  1 
ATOM   75  C  CG1 . ILE A 1 11 ? -6.554  4.437   1.446   1.00 2.70  ? 353 ILE A CG1 1 
ATOM   76  C  CG2 . ILE A 1 11 ? -6.565  5.890   -0.606  1.00 3.28  ? 353 ILE A CG2 1 
ATOM   77  C  CD1 . ILE A 1 11 ? -5.194  4.723   2.109   1.00 5.14  ? 353 ILE A CD1 1 
ATOM   78  N  N   . THR A 1 12 ? -6.889  3.078   -2.804  1.00 9.32  ? 354 THR A N   1 
ATOM   79  C  CA  . THR A 1 12 ? -6.843  3.007   -4.276  1.00 10.52 ? 354 THR A CA  1 
ATOM   80  C  C   . THR A 1 12 ? -8.210  2.604   -4.884  1.00 11.48 ? 354 THR A C   1 
ATOM   81  O  O   . THR A 1 12 ? -8.689  3.239   -5.841  1.00 11.72 ? 354 THR A O   1 
ATOM   82  C  CB  . THR A 1 12 ? -5.647  2.109   -4.729  1.00 11.06 ? 354 THR A CB  1 
ATOM   83  O  OG1 . THR A 1 12 ? -4.404  2.761   -4.389  1.00 13.52 ? 354 THR A OG1 1 
ATOM   84  C  CG2 . THR A 1 12 ? -5.632  1.840   -6.236  1.00 11.04 ? 354 THR A CG2 1 
ATOM   85  N  N   . ASP A 1 13 ? -8.873  1.616   -4.275  1.00 12.24 ? 355 ASP A N   1 
ATOM   86  C  CA  . ASP A 1 13 ? -10.109 1.061   -4.818  1.00 14.16 ? 355 ASP A CA  1 
ATOM   87  C  C   . ASP A 1 13 ? -11.335 1.919   -4.564  1.00 16.05 ? 355 ASP A C   1 
ATOM   88  O  O   . ASP A 1 13 ? -12.270 1.906   -5.367  1.00 15.72 ? 355 ASP A O   1 
ATOM   89  C  CB  . ASP A 1 13 ? -10.385 -0.324  -4.224  1.00 13.91 ? 355 ASP A CB  1 
ATOM   90  C  CG  . ASP A 1 13 ? -9.535  -1.401  -4.842  1.00 16.79 ? 355 ASP A CG  1 
ATOM   91  O  OD1 . ASP A 1 13 ? -9.002  -1.162  -5.946  1.00 19.00 ? 355 ASP A OD1 1 
ATOM   92  O  OD2 . ASP A 1 13 ? -9.417  -2.504  -4.232  1.00 20.30 ? 355 ASP A OD2 1 
ATOM   93  N  N   . SER A 1 14 ? -11.333 2.627   -3.437  1.00 16.76 ? 356 SER A N   1 
ATOM   94  C  CA  . SER A 1 14 ? -12.523 3.206   -2.909  1.00 20.23 ? 356 SER A CA  1 
ATOM   95  C  C   . SER A 1 14 ? -12.525 4.709   -3.166  1.00 21.02 ? 356 SER A C   1 
ATOM   96  O  O   . SER A 1 14 ? -13.528 5.274   -3.577  1.00 21.11 ? 356 SER A O   1 
ATOM   97  C  CB  . SER A 1 14 ? -12.652 2.900   -1.399  1.00 20.78 ? 356 SER A CB  1 
ATOM   98  O  OG  . SER A 1 14 ? -12.546 1.478   -1.079  1.00 24.12 ? 356 SER A OG  1 
ATOM   99  N  N   . VAL A 1 15 ? -11.386 5.336   -2.903  1.00 22.58 ? 357 VAL A N   1 
ATOM   100 C  CA  . VAL A 1 15 ? -11.220 6.794   -3.025  1.00 23.49 ? 357 VAL A CA  1 
ATOM   101 C  C   . VAL A 1 15 ? -10.768 7.173   -4.447  1.00 23.88 ? 357 VAL A C   1 
ATOM   102 O  O   . VAL A 1 15 ? -9.622  6.894   -4.865  1.00 24.35 ? 357 VAL A O   1 
ATOM   103 C  CB  . VAL A 1 15 ? -10.242 7.339   -1.928  1.00 22.97 ? 357 VAL A CB  1 
ATOM   104 C  CG1 . VAL A 1 15 ? -10.253 8.857   -1.889  1.00 23.47 ? 357 VAL A CG1 1 
ATOM   105 C  CG2 . VAL A 1 15 ? -10.614 6.750   -0.542  1.00 22.84 ? 357 VAL A CG2 1 
ATOM   106 N  N   . ALA A 1 16 ? -11.701 7.792   -5.185  1.00 24.83 ? 358 ALA A N   1 
ATOM   107 C  CA  . ALA A 1 16 ? -11.480 8.235   -6.569  1.00 24.48 ? 358 ALA A CA  1 
ATOM   108 C  C   . ALA A 1 16 ? -10.936 9.655   -6.619  1.00 23.89 ? 358 ALA A C   1 
ATOM   109 O  O   . ALA A 1 16 ? -10.193 9.990   -7.552  1.00 25.26 ? 358 ALA A O   1 
ATOM   110 C  CB  . ALA A 1 16 ? -12.773 8.102   -7.416  1.00 25.04 ? 358 ALA A CB  1 
ATOM   111 N  N   . ASN A 1 17 ? -11.285 10.492  -5.628  1.00 21.98 ? 359 ASN A N   1 
ATOM   112 C  CA  . ASN A 1 17 ? -10.815 11.879  -5.626  1.00 18.43 ? 359 ASN A CA  1 
ATOM   113 C  C   . ASN A 1 17 ? -9.346  11.953  -5.148  1.00 16.34 ? 359 ASN A C   1 
ATOM   114 O  O   . ASN A 1 17 ? -9.014  11.506  -4.030  1.00 15.42 ? 359 ASN A O   1 
ATOM   115 C  CB  . ASN A 1 17 ? -11.829 12.789  -4.898  1.00 19.18 ? 359 ASN A CB  1 
ATOM   116 C  CG  . ASN A 1 17 ? -11.247 14.135  -4.438  1.00 16.99 ? 359 ASN A CG  1 
ATOM   117 O  OD1 . ASN A 1 17 ? -10.445 14.188  -3.541  1.00 14.16 ? 359 ASN A OD1 1 
ATOM   118 N  ND2 . ASN A 1 17 ? -11.718 15.211  -5.007  1.00 18.06 ? 359 ASN A ND2 1 
ATOM   119 N  N   . PRO A 1 18 ? -8.453  12.431  -6.040  1.00 14.51 ? 360 PRO A N   1 
ATOM   120 C  CA  . PRO A 1 18 ? -7.003  12.323  -5.827  1.00 12.79 ? 360 PRO A CA  1 
ATOM   121 C  C   . PRO A 1 18 ? -6.476  13.086  -4.609  1.00 10.66 ? 360 PRO A C   1 
ATOM   122 O  O   . PRO A 1 18 ? -5.534  12.637  -3.986  1.00 8.28  ? 360 PRO A O   1 
ATOM   123 C  CB  . PRO A 1 18 ? -6.411  12.822  -7.144  1.00 12.61 ? 360 PRO A CB  1 
ATOM   124 C  CG  . PRO A 1 18 ? -7.542  12.608  -8.139  1.00 14.51 ? 360 PRO A CG  1 
ATOM   125 C  CD  . PRO A 1 18 ? -8.736  13.042  -7.353  1.00 14.81 ? 360 PRO A CD  1 
ATOM   126 N  N   . GLN A 1 19 ? -7.123  14.183  -4.229  1.00 9.12  ? 361 GLN A N   1 
ATOM   127 C  CA  . GLN A 1 19 ? -6.705  14.886  -3.028  1.00 8.62  ? 361 GLN A CA  1 
ATOM   128 C  C   . GLN A 1 19 ? -7.090  14.096  -1.769  1.00 6.95  ? 361 GLN A C   1 
ATOM   129 O  O   . GLN A 1 19 ? -6.308  14.007  -0.816  1.00 5.82  ? 361 GLN A O   1 
ATOM   130 C  CB  . GLN A 1 19 ? -7.241  16.338  -2.998  1.00 8.81  ? 361 GLN A CB  1 
ATOM   131 C  CG  . GLN A 1 19 ? -6.464  17.333  -3.876  1.00 10.86 ? 361 GLN A CG  1 
ATOM   132 C  CD  . GLN A 1 19 ? -6.956  18.793  -3.728  1.00 11.72 ? 361 GLN A CD  1 
ATOM   133 O  OE1 . GLN A 1 19 ? -8.127  19.050  -3.495  1.00 12.51 ? 361 GLN A OE1 1 
ATOM   134 N  NE2 . GLN A 1 19 ? -6.047  19.738  -3.863  1.00 19.48 ? 361 GLN A NE2 1 
ATOM   135 N  N   . MET A 1 20 ? -8.276  13.480  -1.769  1.00 6.44  ? 362 MET A N   1 
ATOM   136 C  CA  . MET A 1 20 ? -8.679  12.630  -0.625  1.00 6.38  ? 362 MET A CA  1 
ATOM   137 C  C   . MET A 1 20 ? -7.759  11.422  -0.512  1.00 5.30  ? 362 MET A C   1 
ATOM   138 O  O   . MET A 1 20 ? -7.404  10.981  0.595   1.00 5.40  ? 362 MET A O   1 
ATOM   139 C  CB  . MET A 1 20 ? -10.126 12.189  -0.748  1.00 5.87  ? 362 MET A CB  1 
ATOM   140 C  CG  . MET A 1 20 ? -11.136 13.246  -0.404  1.00 6.93  ? 362 MET A CG  1 
ATOM   141 S  SD  . MET A 1 20 ? -12.783 12.605  -0.674  1.00 9.98  ? 362 MET A SD  1 
ATOM   142 C  CE  . MET A 1 20 ? -12.797 11.270  0.494   1.00 2.00  ? 362 MET A CE  1 
ATOM   143 N  N   . LYS A 1 21 ? -7.307  10.944  -1.664  1.00 5.58  ? 363 LYS A N   1 
ATOM   144 C  CA  . LYS A 1 21 ? -6.463  9.754   -1.762  1.00 6.30  ? 363 LYS A CA  1 
ATOM   145 C  C   . LYS A 1 21 ? -5.120  10.054  -1.154  1.00 5.55  ? 363 LYS A C   1 
ATOM   146 O  O   . LYS A 1 21 ? -4.641  9.256   -0.364  1.00 5.50  ? 363 LYS A O   1 
ATOM   147 C  CB  . LYS A 1 21 ? -6.333  9.317   -3.234  1.00 6.66  ? 363 LYS A CB  1 
ATOM   148 C  CG  . LYS A 1 21 ? -5.537  8.031   -3.531  0.50 6.12  ? 363 LYS A CG  1 
ATOM   149 C  CD  . LYS A 1 21 ? -5.856  7.543   -4.963  0.50 6.04  ? 363 LYS A CD  1 
ATOM   150 C  CE  . LYS A 1 21 ? -4.702  6.796   -5.592  0.50 8.90  ? 363 LYS A CE  1 
ATOM   151 N  NZ  . LYS A 1 21 ? -4.849  6.663   -7.089  0.50 9.82  ? 363 LYS A NZ  1 
ATOM   152 N  N   . GLN A 1 22 ? -4.532  11.214  -1.500  1.00 6.83  ? 364 GLN A N   1 
ATOM   153 C  CA  . GLN A 1 22 ? -3.209  11.668  -0.957  1.00 7.17  ? 364 GLN A CA  1 
ATOM   154 C  C   . GLN A 1 22 ? -3.269  11.889  0.537   1.00 5.38  ? 364 GLN A C   1 
ATOM   155 O  O   . GLN A 1 22 ? -2.297  11.588  1.212   1.00 3.91  ? 364 GLN A O   1 
ATOM   156 C  CB  . GLN A 1 22 ? -2.687  12.995  -1.566  1.00 7.11  ? 364 GLN A CB  1 
ATOM   157 C  CG  . GLN A 1 22 ? -2.641  13.101  -3.136  1.00 11.60 ? 364 GLN A CG  1 
ATOM   158 C  CD  . GLN A 1 22 ? -2.781  14.575  -3.663  1.00 12.86 ? 364 GLN A CD  1 
ATOM   159 O  OE1 . GLN A 1 22 ? -2.653  15.567  -2.889  1.00 20.65 ? 364 GLN A OE1 1 
ATOM   160 N  NE2 . GLN A 1 22 ? -3.102  14.717  -4.965  1.00 17.56 ? 364 GLN A NE2 1 
ATOM   161 N  N   . ALA A 1 23 ? -4.390  12.446  1.038   1.00 3.75  ? 365 ALA A N   1 
ATOM   162 C  CA  . ALA A 1 23 ? -4.569  12.697  2.487   1.00 3.31  ? 365 ALA A CA  1 
ATOM   163 C  C   . ALA A 1 23 ? -4.677  11.417  3.288   1.00 2.94  ? 365 ALA A C   1 
ATOM   164 O  O   . ALA A 1 23 ? -4.039  11.301  4.335   1.00 2.01  ? 365 ALA A O   1 
ATOM   165 C  CB  . ALA A 1 23 ? -5.795  13.610  2.760   1.00 3.18  ? 365 ALA A CB  1 
ATOM   166 N  N   . PHE A 1 24 ? -5.441  10.432  2.770   1.00 2.93  ? 366 PHE A N   1 
ATOM   167 C  CA  . PHE A 1 24 ? -5.567  9.116   3.422   1.00 2.96  ? 366 PHE A CA  1 
ATOM   168 C  C   . PHE A 1 24 ? -4.222  8.383   3.471   1.00 3.56  ? 366 PHE A C   1 
ATOM   169 O  O   . PHE A 1 24 ? -3.866  7.746   4.485   1.00 3.36  ? 366 PHE A O   1 
ATOM   170 C  CB  . PHE A 1 24 ? -6.590  8.242   2.690   1.00 3.01  ? 366 PHE A CB  1 
ATOM   171 C  CG  . PHE A 1 24 ? -7.984  8.318   3.249   1.00 2.00  ? 366 PHE A CG  1 
ATOM   172 C  CD1 . PHE A 1 24 ? -9.084  8.535   2.406   1.00 4.05  ? 366 PHE A CD1 1 
ATOM   173 C  CD2 . PHE A 1 24 ? -8.217  8.170   4.594   1.00 3.73  ? 366 PHE A CD2 1 
ATOM   174 C  CE1 . PHE A 1 24 ? -10.417 8.594   2.928   1.00 2.00  ? 366 PHE A CE1 1 
ATOM   175 C  CE2 . PHE A 1 24 ? -9.533  8.253   5.129   1.00 2.98  ? 366 PHE A CE2 1 
ATOM   176 C  CZ  . PHE A 1 24 ? -10.622 8.447   4.284   1.00 2.00  ? 366 PHE A CZ  1 
ATOM   177 N  N   . GLU A 1 25 ? -3.446  8.516   2.395   1.00 4.57  ? 367 GLU A N   1 
ATOM   178 C  CA  . GLU A 1 25 ? -2.145  7.843   2.302   1.00 4.67  ? 367 GLU A CA  1 
ATOM   179 C  C   . GLU A 1 25 ? -1.140  8.532   3.232   1.00 5.22  ? 367 GLU A C   1 
ATOM   180 O  O   . GLU A 1 25 ? -0.296  7.871   3.842   1.00 4.72  ? 367 GLU A O   1 
ATOM   181 C  CB  . GLU A 1 25 ? -1.629  7.890   0.869   1.00 5.32  ? 367 GLU A CB  1 
ATOM   182 C  CG  . GLU A 1 25 ? -2.301  6.930   -0.121  1.00 6.12  ? 367 GLU A CG  1 
ATOM   183 C  CD  . GLU A 1 25 ? -1.851  7.175   -1.580  1.00 8.81  ? 367 GLU A CD  1 
ATOM   184 O  OE1 . GLU A 1 25 ? -1.047  8.132   -1.831  1.00 8.95  ? 367 GLU A OE1 1 
ATOM   185 O  OE2 . GLU A 1 25 ? -2.271  6.375   -2.468  1.00 14.55 ? 367 GLU A OE2 1 
ATOM   186 N  N   . GLN A 1 26 ? -1.223  9.864   3.350   1.00 3.93  ? 368 GLN A N   1 
ATOM   187 C  CA  . GLN A 1 26 ? -0.444  10.569  4.371   1.00 4.72  ? 368 GLN A CA  1 
ATOM   188 C  C   . GLN A 1 26 ? -0.858  10.098  5.752   1.00 5.31  ? 368 GLN A C   1 
ATOM   189 O  O   . GLN A 1 26 ? -0.014  9.830   6.556   1.00 6.08  ? 368 GLN A O   1 
ATOM   190 C  CB  . GLN A 1 26 ? -0.604  12.085  4.254   1.00 2.78  ? 368 GLN A CB  1 
ATOM   191 C  CG  . GLN A 1 26 ? 0.165   12.715  3.070   1.00 7.32  ? 368 GLN A CG  1 
ATOM   192 C  CD  . GLN A 1 26 ? 1.507   13.341  3.480   1.00 9.04  ? 368 GLN A CD  1 
ATOM   193 O  OE1 . GLN A 1 26 ? 1.995   13.082  4.572   1.00 8.25  ? 368 GLN A OE1 1 
ATOM   194 N  NE2 . GLN A 1 26 ? 2.106   14.155  2.582   1.00 6.42  ? 368 GLN A NE2 1 
ATOM   195 N  N   . ARG A 1 27 ? -2.168  10.016  6.014   1.00 6.17  ? 369 ARG A N   1 
ATOM   196 C  CA  . ARG A 1 27 ? -2.700  9.463   7.268   1.00 7.66  ? 369 ARG A CA  1 
ATOM   197 C  C   . ARG A 1 27 ? -2.205  8.043   7.563   1.00 6.77  ? 369 ARG A C   1 
ATOM   198 O  O   . ARG A 1 27 ? -1.738  7.736   8.660   1.00 6.83  ? 369 ARG A O   1 
ATOM   199 C  CB  . ARG A 1 27 ? -4.236  9.523   7.241   1.00 7.72  ? 369 ARG A CB  1 
ATOM   200 C  CG  . ARG A 1 27 ? -4.904  9.481   8.607   1.00 11.74 ? 369 ARG A CG  1 
ATOM   201 C  CD  . ARG A 1 27 ? -6.375  9.954   8.580   1.00 11.28 ? 369 ARG A CD  1 
ATOM   202 N  NE  . ARG A 1 27 ? -7.077  9.457   9.778   1.00 18.05 ? 369 ARG A NE  1 
ATOM   203 C  CZ  . ARG A 1 27 ? -8.383  9.150   9.833   1.00 20.64 ? 369 ARG A CZ  1 
ATOM   204 N  NH1 . ARG A 1 27 ? -9.169  9.293   8.773   1.00 19.79 ? 369 ARG A NH1 1 
ATOM   205 N  NH2 . ARG A 1 27 ? -8.915  8.702   10.970  1.00 22.57 ? 369 ARG A NH2 1 
ATOM   206 N  N   . LEU A 1 28 ? -2.277  7.167   6.562   1.00 6.77  ? 370 LEU A N   1 
ATOM   207 C  CA  . LEU A 1 28 ? -1.890  5.799   6.743   1.00 5.37  ? 370 LEU A CA  1 
ATOM   208 C  C   . LEU A 1 28 ? -0.394  5.655   6.998   1.00 6.23  ? 370 LEU A C   1 
ATOM   209 O  O   . LEU A 1 28 ? 0.006   4.872   7.864   1.00 4.75  ? 370 LEU A O   1 
ATOM   210 C  CB  . LEU A 1 28 ? -2.307  4.961   5.544   1.00 5.81  ? 370 LEU A CB  1 
ATOM   211 C  CG  . LEU A 1 28 ? -2.058  3.447   5.566   1.00 6.33  ? 370 LEU A CG  1 
ATOM   212 C  CD1 . LEU A 1 28 ? -2.746  2.780   6.748   1.00 7.28  ? 370 LEU A CD1 1 
ATOM   213 C  CD2 . LEU A 1 28 ? -2.501  2.805   4.228   1.00 2.74  ? 370 LEU A CD2 1 
ATOM   214 N  N   . ALA A 1 29 ? 0.411   6.435   6.281   1.00 5.86  ? 371 ALA A N   1 
ATOM   215 C  CA  . ALA A 1 29 ? 1.866   6.362   6.414   1.00 6.92  ? 371 ALA A CA  1 
ATOM   216 C  C   . ALA A 1 29 ? 2.345   6.745   7.838   1.00 7.77  ? 371 ALA A C   1 
ATOM   217 O  O   . ALA A 1 29 ? 3.405   6.296   8.277   1.00 8.11  ? 371 ALA A O   1 
ATOM   218 C  CB  . ALA A 1 29 ? 2.533   7.229   5.371   1.00 6.43  ? 371 ALA A CB  1 
ATOM   219 N  N   . LYS A 1 30 ? 1.545   7.552   8.544   1.00 8.10  ? 372 LYS A N   1 
ATOM   220 C  CA  . LYS A 1 30 ? 1.911   8.137   9.829   1.00 9.52  ? 372 LYS A CA  1 
ATOM   221 C  C   . LYS A 1 30 ? 1.254   7.458   10.998  1.00 9.80  ? 372 LYS A C   1 
ATOM   222 O  O   . LYS A 1 30 ? 1.309   8.030   12.077  1.00 11.26 ? 372 LYS A O   1 
ATOM   223 C  CB  . LYS A 1 30 ? 1.446   9.593   9.884   1.00 9.46  ? 372 LYS A CB  1 
ATOM   224 C  CG  . LYS A 1 30 ? 2.497   10.683  9.796   1.00 14.67 ? 372 LYS A CG  1 
ATOM   225 C  CD  . LYS A 1 30 ? 3.398   10.581  8.547   1.00 22.18 ? 372 LYS A CD  1 
ATOM   226 C  CE  . LYS A 1 30 ? 2.987   11.520  7.442   1.00 24.99 ? 372 LYS A CE  1 
ATOM   227 N  NZ  . LYS A 1 30 ? 2.375   10.775  6.298   1.00 26.36 ? 372 LYS A NZ  1 
ATOM   228 N  N   . ALA A 1 31 ? 0.556   6.336   10.780  1.00 9.25  ? 373 ALA A N   1 
ATOM   229 C  CA  . ALA A 1 31 ? -0.126  5.575   11.837  1.00 9.95  ? 373 ALA A CA  1 
ATOM   230 C  C   . ALA A 1 31 ? 0.372   4.129   11.821  1.00 11.03 ? 373 ALA A C   1 
ATOM   231 O  O   . ALA A 1 31 ? 0.726   3.589   10.776  1.00 10.73 ? 373 ALA A O   1 
ATOM   232 C  CB  . ALA A 1 31 ? -1.666  5.584   11.657  1.00 10.59 ? 373 ALA A CB  1 
ATOM   233 N  N   . SER A 1 32 ? 0.376   3.488   12.972  1.00 10.91 ? 374 SER A N   1 
ATOM   234 C  CA  . SER A 1 32 ? 0.812   2.122   12.992  1.00 12.22 ? 374 SER A CA  1 
ATOM   235 C  C   . SER A 1 32 ? 0.073   1.247   13.997  1.00 11.93 ? 374 SER A C   1 
ATOM   236 O  O   . SER A 1 32 ? 0.182   0.016   13.922  1.00 13.98 ? 374 SER A O   1 
ATOM   237 C  CB  . SER A 1 32 ? 2.311   2.071   13.269  1.00 13.04 ? 374 SER A CB  1 
ATOM   238 O  OG  . SER A 1 32 ? 2.608   2.695   14.519  1.00 16.53 ? 374 SER A OG  1 
ATOM   239 N  N   . THR A 1 33 ? -0.667  1.838   14.928  1.00 9.96  ? 375 THR A N   1 
ATOM   240 C  CA  . THR A 1 33 ? -1.300  1.026   15.972  1.00 8.24  ? 375 THR A CA  1 
ATOM   241 C  C   . THR A 1 33 ? -2.654  0.542   15.471  1.00 7.78  ? 375 THR A C   1 
ATOM   242 O  O   . THR A 1 33 ? -3.226  1.154   14.567  1.00 4.84  ? 375 THR A O   1 
ATOM   243 C  CB  . THR A 1 33 ? -1.510  1.835   17.262  1.00 8.66  ? 375 THR A CB  1 
ATOM   244 O  OG1 . THR A 1 33 ? -2.383  2.932   16.983  1.00 6.81  ? 375 THR A OG1 1 
ATOM   245 C  CG2 . THR A 1 33 ? -0.185  2.354   17.773  1.00 6.22  ? 375 THR A CG2 1 
ATOM   246 N  N   . GLU A 1 34 ? -3.174  -0.518  16.097  1.00 7.43  ? 376 GLU A N   1 
ATOM   247 C  CA  . GLU A 1 34 ? -4.405  -1.159  15.654  1.00 8.04  ? 376 GLU A CA  1 
ATOM   248 C  C   . GLU A 1 34 ? -5.571  -0.169  15.751  1.00 7.13  ? 376 GLU A C   1 
ATOM   249 O  O   . GLU A 1 34 ? -6.405  -0.114  14.830  1.00 6.98  ? 376 GLU A O   1 
ATOM   250 C  CB  . GLU A 1 34 ? -4.678  -2.476  16.415  1.00 8.01  ? 376 GLU A CB  1 
ATOM   251 C  CG  . GLU A 1 34 ? -5.989  -3.187  15.935  0.50 9.65  ? 376 GLU A CG  1 
ATOM   252 C  CD  . GLU A 1 34 ? -6.519  -4.269  16.899  0.50 10.40 ? 376 GLU A CD  1 
ATOM   253 O  OE1 . GLU A 1 34 ? -5.706  -4.916  17.591  0.50 13.03 ? 376 GLU A OE1 1 
ATOM   254 O  OE2 . GLU A 1 34 ? -7.755  -4.492  16.941  0.50 14.20 ? 376 GLU A OE2 1 
ATOM   255 N  N   . ASP A 1 35 ? -5.588  0.631   16.829  1.00 7.56  ? 377 ASP A N   1 
ATOM   256 C  CA  . ASP A 1 35 ? -6.563  1.697   17.061  1.00 7.98  ? 377 ASP A CA  1 
ATOM   257 C  C   . ASP A 1 35 ? -6.596  2.724   15.930  1.00 7.99  ? 377 ASP A C   1 
ATOM   258 O  O   . ASP A 1 35 ? -7.663  2.994   15.393  1.00 9.16  ? 377 ASP A O   1 
ATOM   259 C  CB  . ASP A 1 35 ? -6.316  2.427   18.414  1.00 9.36  ? 377 ASP A CB  1 
ATOM   260 C  CG  . ASP A 1 35 ? -6.911  1.659   19.634  0.50 9.85  ? 377 ASP A CG  1 
ATOM   261 O  OD1 . ASP A 1 35 ? -7.381  0.520   19.453  0.50 10.34 ? 377 ASP A OD1 1 
ATOM   262 O  OD2 . ASP A 1 35 ? -6.889  2.189   20.777  0.50 11.31 ? 377 ASP A OD2 1 
ATOM   263 N  N   . ALA A 1 36 ? -5.432  3.270   15.564  1.00 6.13  ? 378 ALA A N   1 
ATOM   264 C  CA  . ALA A 1 36 ? -5.312  4.255   14.490  1.00 5.25  ? 378 ALA A CA  1 
ATOM   265 C  C   . ALA A 1 36 ? -5.706  3.699   13.141  1.00 5.25  ? 378 ALA A C   1 
ATOM   266 O  O   . ALA A 1 36 ? -6.348  4.399   12.345  1.00 5.53  ? 378 ALA A O   1 
ATOM   267 C  CB  . ALA A 1 36 ? -3.898  4.775   14.409  1.00 5.08  ? 378 ALA A CB  1 
ATOM   268 N  N   . LEU A 1 37 ? -5.308  2.456   12.876  1.00 4.67  ? 379 LEU A N   1 
ATOM   269 C  CA  . LEU A 1 37 ? -5.622  1.816   11.608  1.00 5.33  ? 379 LEU A CA  1 
ATOM   270 C  C   . LEU A 1 37 ? -7.124  1.553   11.456  1.00 4.90  ? 379 LEU A C   1 
ATOM   271 O  O   . LEU A 1 37 ? -7.669  1.811   10.379  1.00 5.44  ? 379 LEU A O   1 
ATOM   272 C  CB  . LEU A 1 37 ? -4.766  0.583   11.382  1.00 5.69  ? 379 LEU A CB  1 
ATOM   273 C  CG  . LEU A 1 37 ? -3.224  0.764   11.276  1.00 6.71  ? 379 LEU A CG  1 
ATOM   274 C  CD1 . LEU A 1 37 ? -2.563  -0.587  10.991  1.00 8.63  ? 379 LEU A CD1 1 
ATOM   275 C  CD2 . LEU A 1 37 ? -2.788  1.749   10.223  1.00 6.19  ? 379 LEU A CD2 1 
ATOM   276 N  N   . ASN A 1 38 ? -7.800  1.153   12.542  1.00 3.02  ? 380 ASN A N   1 
ATOM   277 C  CA  . ASN A 1 38 ? -9.252  0.941   12.528  1.00 3.08  ? 380 ASN A CA  1 
ATOM   278 C  C   . ASN A 1 38 ? -10.009 2.237   12.210  1.00 2.84  ? 380 ASN A C   1 
ATOM   279 O  O   . ASN A 1 38 ? -10.986 2.232   11.448  1.00 3.63  ? 380 ASN A O   1 
ATOM   280 C  CB  . ASN A 1 38 ? -9.748  0.395   13.869  1.00 2.15  ? 380 ASN A CB  1 
ATOM   281 C  CG  . ASN A 1 38 ? -9.413  -1.098  14.060  1.00 5.05  ? 380 ASN A CG  1 
ATOM   282 O  OD1 . ASN A 1 38 ? -9.010  -1.770  13.129  1.00 8.58  ? 380 ASN A OD1 1 
ATOM   283 N  ND2 . ASN A 1 38 ? -9.576  -1.597  15.270  1.00 4.01  ? 380 ASN A ND2 1 
ATOM   284 N  N   . ASP A 1 39 ? -9.528  3.336   12.783  1.00 3.72  ? 381 ASP A N   1 
ATOM   285 C  CA  . ASP A 1 39 ? -10.111 4.661   12.566  1.00 4.48  ? 381 ASP A CA  1 
ATOM   286 C  C   . ASP A 1 39 ? -9.940  5.122   11.105  1.00 4.33  ? 381 ASP A C   1 
ATOM   287 O  O   . ASP A 1 39 ? -10.867 5.659   10.506  1.00 4.87  ? 381 ASP A O   1 
ATOM   288 C  CB  . ASP A 1 39 ? -9.477  5.667   13.496  1.00 5.96  ? 381 ASP A CB  1 
ATOM   289 C  CG  . ASP A 1 39 ? -9.901  5.500   14.959  1.00 9.26  ? 381 ASP A CG  1 
ATOM   290 O  OD1 . ASP A 1 39 ? -10.672 4.557   15.320  1.00 12.10 ? 381 ASP A OD1 1 
ATOM   291 O  OD2 . ASP A 1 39 ? -9.404  6.343   15.741  1.00 14.60 ? 381 ASP A OD2 1 
ATOM   292 N  N   . ILE A 1 40 ? -8.780  4.858   10.517  1.00 3.65  ? 382 ILE A N   1 
ATOM   293 C  CA  . ILE A 1 40 ? -8.579  5.125   9.090   1.00 3.67  ? 382 ILE A CA  1 
ATOM   294 C  C   . ILE A 1 40 ? -9.495  4.266   8.212   1.00 3.29  ? 382 ILE A C   1 
ATOM   295 O  O   . ILE A 1 40 ? -10.189 4.784   7.356   1.00 3.39  ? 382 ILE A O   1 
ATOM   296 C  CB  . ILE A 1 40 ? -7.088  4.941   8.693   1.00 3.05  ? 382 ILE A CB  1 
ATOM   297 C  CG1 . ILE A 1 40 ? -6.245  5.948   9.450   1.00 4.11  ? 382 ILE A CG1 1 
ATOM   298 C  CG2 . ILE A 1 40 ? -6.893  5.205   7.179   1.00 2.00  ? 382 ILE A CG2 1 
ATOM   299 C  CD1 . ILE A 1 40 ? -4.694  5.676   9.397   1.00 4.78  ? 382 ILE A CD1 1 
ATOM   300 N  N   . LYS A 1 41 ? -9.531  2.961   8.476   1.00 3.35  ? 383 LYS A N   1 
ATOM   301 C  CA  . LYS A 1 41 ? -10.487 2.040   7.842   1.00 2.80  ? 383 LYS A CA  1 
ATOM   302 C  C   . LYS A 1 41 ? -11.937 2.469   7.988   1.00 3.69  ? 383 LYS A C   1 
ATOM   303 O  O   . LYS A 1 41 ? -12.695 2.480   6.992   1.00 3.02  ? 383 LYS A O   1 
ATOM   304 C  CB  . LYS A 1 41 ? -10.277 0.612   8.367   1.00 3.62  ? 383 LYS A CB  1 
ATOM   305 C  CG  . LYS A 1 41 ? -8.968  0.003   7.799   1.00 2.44  ? 383 LYS A CG  1 
ATOM   306 C  CD  . LYS A 1 41 ? -8.853  -1.486  8.075   1.00 7.56  ? 383 LYS A CD  1 
ATOM   307 C  CE  . LYS A 1 41 ? -8.741  -1.734  9.546   1.00 8.10  ? 383 LYS A CE  1 
ATOM   308 N  NZ  . LYS A 1 41 ? -8.450  -3.203  9.717   1.00 11.03 ? 383 LYS A NZ  1 
ATOM   309 N  N   . ARG A 1 42 ? -12.308 2.877   9.204   1.00 3.64  ? 384 ARG A N   1 
ATOM   310 C  CA  . ARG A 1 42 ? -13.656 3.402   9.444   1.00 4.40  ? 384 ARG A CA  1 
ATOM   311 C  C   . ARG A 1 42 ? -13.941 4.580   8.482   1.00 4.37  ? 384 ARG A C   1 
ATOM   312 O  O   . ARG A 1 42 ? -14.988 4.610   7.828   1.00 3.59  ? 384 ARG A O   1 
ATOM   313 C  CB  . ARG A 1 42 ? -13.774 3.864   10.897  1.00 3.81  ? 384 ARG A CB  1 
ATOM   314 C  CG  . ARG A 1 42 ? -15.040 4.582   11.245  1.00 4.76  ? 384 ARG A CG  1 
ATOM   315 C  CD  . ARG A 1 42 ? -14.793 5.430   12.532  1.00 8.43  ? 384 ARG A CD  1 
ATOM   316 N  NE  . ARG A 1 42 ? -13.858 6.528   12.285  1.00 6.10  ? 384 ARG A NE  1 
ATOM   317 C  CZ  . ARG A 1 42 ? -13.177 7.172   13.240  1.00 5.39  ? 384 ARG A CZ  1 
ATOM   318 N  NH1 . ARG A 1 42 ? -13.283 6.828   14.507  1.00 2.00  ? 384 ARG A NH1 1 
ATOM   319 N  NH2 . ARG A 1 42 ? -12.368 8.166   12.901  1.00 3.48  ? 384 ARG A NH2 1 
ATOM   320 N  N   . ASP A 1 43 ? -13.017 5.543   8.388   1.00 4.62  ? 385 ASP A N   1 
ATOM   321 C  CA  . ASP A 1 43 ? -13.274 6.705   7.508   1.00 4.72  ? 385 ASP A CA  1 
ATOM   322 C  C   . ASP A 1 43 ? -13.234 6.399   6.010   1.00 3.83  ? 385 ASP A C   1 
ATOM   323 O  O   . ASP A 1 43 ? -13.947 7.054   5.278   1.00 5.14  ? 385 ASP A O   1 
ATOM   324 C  CB  . ASP A 1 43 ? -12.393 7.892   7.867   1.00 5.54  ? 385 ASP A CB  1 
ATOM   325 C  CG  . ASP A 1 43 ? -12.687 8.404   9.270   1.00 8.14  ? 385 ASP A CG  1 
ATOM   326 O  OD1 . ASP A 1 43 ? -13.862 8.232   9.749   1.00 6.08  ? 385 ASP A OD1 1 
ATOM   327 O  OD2 . ASP A 1 43 ? -11.747 8.932   9.897   1.00 12.28 ? 385 ASP A OD2 1 
ATOM   328 N  N   . ILE A 1 44 ? -12.403 5.455   5.560   1.00 3.30  ? 386 ILE A N   1 
ATOM   329 C  CA  . ILE A 1 44 ? -12.430 4.937   4.175   1.00 3.88  ? 386 ILE A CA  1 
ATOM   330 C  C   . ILE A 1 44 ? -13.792 4.323   3.819   1.00 4.61  ? 386 ILE A C   1 
ATOM   331 O  O   . ILE A 1 44 ? -14.411 4.660   2.786   1.00 5.11  ? 386 ILE A O   1 
ATOM   332 C  CB  . ILE A 1 44 ? -11.301 3.934   3.870   1.00 3.31  ? 386 ILE A CB  1 
ATOM   333 C  CG1 . ILE A 1 44 ? -9.964  4.636   3.873   1.00 5.47  ? 386 ILE A CG1 1 
ATOM   334 C  CG2 . ILE A 1 44 ? -11.455 3.373   2.425   1.00 3.15  ? 386 ILE A CG2 1 
ATOM   335 C  CD1 . ILE A 1 44 ? -8.776  3.692   4.000   1.00 4.03  ? 386 ILE A CD1 1 
ATOM   336 N  N   . ILE A 1 45 ? -14.316 3.493   4.723   1.00 6.15  ? 387 ILE A N   1 
ATOM   337 C  CA  . ILE A 1 45 ? -15.615 2.821   4.490   1.00 6.31  ? 387 ILE A CA  1 
ATOM   338 C  C   . ILE A 1 45 ? -16.747 3.839   4.372   1.00 7.05  ? 387 ILE A C   1 
ATOM   339 O  O   . ILE A 1 45 ? -17.593 3.723   3.495   1.00 7.07  ? 387 ILE A O   1 
ATOM   340 C  CB  . ILE A 1 45 ? -15.933 1.794   5.626   1.00 6.42  ? 387 ILE A CB  1 
ATOM   341 C  CG1 . ILE A 1 45 ? -14.925 0.659   5.610   1.00 5.13  ? 387 ILE A CG1 1 
ATOM   342 C  CG2 . ILE A 1 45 ? -17.340 1.220   5.471   1.00 6.28  ? 387 ILE A CG2 1 
ATOM   343 C  CD1 . ILE A 1 45 ? -14.779 -0.108  6.971   1.00 6.21  ? 387 ILE A CD1 1 
ATOM   344 N  N   . ARG A 1 46 ? -16.769 4.814   5.273   1.00 8.52  ? 388 ARG A N   1 
ATOM   345 C  CA  . ARG A 1 46 ? -17.765 5.899   5.296   1.00 10.08 ? 388 ARG A CA  1 
ATOM   346 C  C   . ARG A 1 46 ? -17.750 6.763   4.037   1.00 13.29 ? 388 ARG A C   1 
ATOM   347 O  O   . ARG A 1 46 ? -18.811 7.204   3.577   1.00 12.30 ? 388 ARG A O   1 
ATOM   348 C  CB  . ARG A 1 46 ? -17.514 6.838   6.482   1.00 9.57  ? 388 ARG A CB  1 
ATOM   349 C  CG  . ARG A 1 46 ? -18.065 6.391   7.815   1.00 8.09  ? 388 ARG A CG  1 
ATOM   350 C  CD  . ARG A 1 46 ? -17.408 7.170   8.936   1.00 5.65  ? 388 ARG A CD  1 
ATOM   351 N  NE  . ARG A 1 46 ? -17.941 6.775   10.249  1.00 5.74  ? 388 ARG A NE  1 
ATOM   352 C  CZ  . ARG A 1 46 ? -17.573 7.335   11.393  1.00 5.95  ? 388 ARG A CZ  1 
ATOM   353 N  NH1 . ARG A 1 46 ? -16.655 8.299   11.380  1.00 6.38  ? 388 ARG A NH1 1 
ATOM   354 N  NH2 . ARG A 1 46 ? -18.115 6.938   12.553  1.00 6.21  ? 388 ARG A NH2 1 
ATOM   355 N  N   . SER A 1 47 ? -16.537 7.040   3.525   1.00 16.31 ? 389 SER A N   1 
ATOM   356 C  CA  . SER A 1 47 ? -16.317 7.967   2.419   1.00 20.20 ? 389 SER A CA  1 
ATOM   357 C  C   . SER A 1 47 ? -16.896 7.488   1.114   1.00 22.49 ? 389 SER A C   1 
ATOM   358 O  O   . SER A 1 47 ? -17.157 8.309   0.235   1.00 24.31 ? 389 SER A O   1 
ATOM   359 C  CB  . SER A 1 47 ? -14.835 8.353   2.273   1.00 19.93 ? 389 SER A CB  1 
ATOM   360 O  OG  . SER A 1 47 ? -14.462 9.142   3.394   1.00 22.63 ? 389 SER A OG  1 
ATOM   361 N  N   . ALA A 1 48 ? -17.101 6.178   1.002   1.00 25.12 ? 390 ALA A N   1 
ATOM   362 C  CA  . ALA A 1 48 ? -17.810 5.566   -0.123  1.00 27.17 ? 390 ALA A CA  1 
ATOM   363 C  C   . ALA A 1 48 ? -19.329 5.357   0.081   1.00 28.35 ? 390 ALA A C   1 
ATOM   364 O  O   . ALA A 1 48 ? -19.937 4.527   -0.618  1.00 29.03 ? 390 ALA A O   1 
ATOM   365 C  CB  . ALA A 1 48 ? -17.141 4.230   -0.471  1.00 27.50 ? 390 ALA A CB  1 
ATOM   366 N  N   . ILE A 1 49 ? -19.950 6.073   1.025   1.00 29.03 ? 391 ILE A N   1 
ATOM   367 C  CA  . ILE A 1 49 ? -21.421 6.002   1.192   1.00 29.69 ? 391 ILE A CA  1 
ATOM   368 C  C   . ILE A 1 49 ? -22.155 7.179   0.534   1.00 30.32 ? 391 ILE A C   1 
ATOM   369 O  O   . ILE A 1 49 ? -22.099 7.358   -0.686  1.00 31.54 ? 391 ILE A O   1 
ATOM   370 C  CB  . ILE A 1 49 ? -21.861 5.865   2.670   1.00 29.76 ? 391 ILE A CB  1 
ATOM   371 C  CG1 . ILE A 1 49 ? -21.368 4.534   3.233   1.00 28.93 ? 391 ILE A CG1 1 
ATOM   372 C  CG2 . ILE A 1 49 ? -23.389 5.915   2.806   1.00 28.93 ? 391 ILE A CG2 1 
ATOM   373 C  CD1 . ILE A 1 49 ? -21.441 4.451   4.673   1.00 27.66 ? 391 ILE A CD1 1 
ATOM   374 N  N   . GLY B 1 2  ? 6.640   4.959   6.947   1.00 15.13 ? 344 GLY B N   1 
ATOM   375 C  CA  . GLY B 1 2  ? 5.652   4.667   5.809   1.00 14.94 ? 344 GLY B CA  1 
ATOM   376 C  C   . GLY B 1 2  ? 6.055   3.841   4.562   1.00 14.53 ? 344 GLY B C   1 
ATOM   377 O  O   . GLY B 1 2  ? 5.492   4.029   3.473   1.00 14.54 ? 344 GLY B O   1 
ATOM   378 N  N   . GLN B 1 3  ? 7.002   2.918   4.717   1.00 13.24 ? 345 GLN B N   1 
ATOM   379 C  CA  . GLN B 1 3  ? 7.553   2.142   3.593   1.00 12.24 ? 345 GLN B CA  1 
ATOM   380 C  C   . GLN B 1 3  ? 6.524   1.180   2.955   1.00 10.57 ? 345 GLN B C   1 
ATOM   381 O  O   . GLN B 1 3  ? 6.514   0.998   1.734   1.00 9.47  ? 345 GLN B O   1 
ATOM   382 C  CB  . GLN B 1 3  ? 8.849   1.409   4.023   1.00 12.38 ? 345 GLN B CB  1 
ATOM   383 C  CG  . GLN B 1 3  ? 10.277  1.907   3.430   1.00 19.05 ? 345 GLN B CG  1 
ATOM   384 C  CD  . GLN B 1 3  ? 10.234  2.766   2.124   1.00 23.88 ? 345 GLN B CD  1 
ATOM   385 O  OE1 . GLN B 1 3  ? 10.396  2.250   1.020   1.00 25.42 ? 345 GLN B OE1 1 
ATOM   386 N  NE2 . GLN B 1 3  ? 10.034  4.076   2.269   1.00 24.46 ? 345 GLN B NE2 1 
ATOM   387 N  N   . LYS B 1 4  ? 5.633   0.576   3.741   1.00 8.83  ? 346 LYS B N   1 
ATOM   388 C  CA  . LYS B 1 4  ? 4.680   -0.341  3.132   1.00 8.29  ? 346 LYS B CA  1 
ATOM   389 C  C   . LYS B 1 4  ? 3.736   0.346   2.171   1.00 7.43  ? 346 LYS B C   1 
ATOM   390 O  O   . LYS B 1 4  ? 3.448   -0.210  1.100   1.00 8.25  ? 346 LYS B O   1 
ATOM   391 C  CB  . LYS B 1 4  ? 3.915   -1.150  4.179   1.00 9.40  ? 346 LYS B CB  1 
ATOM   392 C  CG  . LYS B 1 4  ? 4.832   -2.022  5.010   1.00 9.82  ? 346 LYS B CG  1 
ATOM   393 C  CD  . LYS B 1 4  ? 4.714   -3.440  4.607   1.00 9.95  ? 346 LYS B CD  1 
ATOM   394 C  CE  . LYS B 1 4  ? 4.990   -4.302  5.810   1.00 8.17  ? 346 LYS B CE  1 
ATOM   395 N  NZ  . LYS B 1 4  ? 4.188   -5.551  5.803   1.00 8.14  ? 346 LYS B NZ  1 
ATOM   396 N  N   . VAL B 1 5  ? 3.284   1.550   2.534   1.00 5.83  ? 347 VAL B N   1 
ATOM   397 C  CA  . VAL B 1 5  ? 2.391   2.367   1.697   1.00 4.45  ? 347 VAL B CA  1 
ATOM   398 C  C   . VAL B 1 5  ? 3.151   2.769   0.424   1.00 3.98  ? 347 VAL B C   1 
ATOM   399 O  O   . VAL B 1 5  ? 2.646   2.575   -0.689  1.00 2.00  ? 347 VAL B O   1 
ATOM   400 C  CB  . VAL B 1 5  ? 1.830   3.614   2.432   1.00 4.53  ? 347 VAL B CB  1 
ATOM   401 C  CG1 . VAL B 1 5  ? 0.907   4.391   1.552   1.00 5.58  ? 347 VAL B CG1 1 
ATOM   402 C  CG2 . VAL B 1 5  ? 1.046   3.168   3.688   1.00 3.53  ? 347 VAL B CG2 1 
ATOM   403 N  N   . MET B 1 6  ? 4.382   3.259   0.613   1.00 3.19  ? 348 MET B N   1 
ATOM   404 C  CA  . MET B 1 6  ? 5.261   3.607   -0.517  1.00 4.08  ? 348 MET B CA  1 
ATOM   405 C  C   . MET B 1 6  ? 5.508   2.454   -1.488  1.00 2.00  ? 348 MET B C   1 
ATOM   406 O  O   . MET B 1 6  ? 5.313   2.611   -2.689  1.00 2.00  ? 348 MET B O   1 
ATOM   407 C  CB  . MET B 1 6  ? 6.622   4.091   -0.020  1.00 4.67  ? 348 MET B CB  1 
ATOM   408 C  CG  . MET B 1 6  ? 6.577   5.415   0.663   1.00 10.77 ? 348 MET B CG  1 
ATOM   409 S  SD  . MET B 1 6  ? 5.580   6.610   -0.202  1.00 20.51 ? 348 MET B SD  1 
ATOM   410 C  CE  . MET B 1 6  ? 4.007   6.509   0.697   1.00 17.54 ? 348 MET B CE  1 
ATOM   411 N  N   . ILE B 1 7  ? 5.924   1.306   -0.972  1.00 2.00  ? 349 ILE B N   1 
ATOM   412 C  CA  . ILE B 1 7  ? 6.152   0.111   -1.837  1.00 2.00  ? 349 ILE B CA  1 
ATOM   413 C  C   . ILE B 1 7  ? 4.866   -0.447  -2.428  1.00 2.46  ? 349 ILE B C   1 
ATOM   414 O  O   . ILE B 1 7  ? 4.909   -0.941  -3.534  1.00 2.99  ? 349 ILE B O   1 
ATOM   415 C  CB  . ILE B 1 7  ? 7.000   -1.009  -1.129  1.00 2.13  ? 349 ILE B CB  1 
ATOM   416 C  CG1 . ILE B 1 7  ? 8.315   -0.435  -0.545  1.00 2.00  ? 349 ILE B CG1 1 
ATOM   417 C  CG2 . ILE B 1 7  ? 7.338   -2.151  -2.088  1.00 3.79  ? 349 ILE B CG2 1 
ATOM   418 C  CD1 . ILE B 1 7  ? 8.921   -1.278  0.663   1.00 2.74  ? 349 ILE B CD1 1 
ATOM   419 N  N   . THR B 1 8  ? 3.726   -0.397  -1.732  1.00 2.15  ? 350 THR B N   1 
ATOM   420 C  CA  . THR B 1 8  ? 2.447   -0.811  -2.391  1.00 3.98  ? 350 THR B CA  1 
ATOM   421 C  C   . THR B 1 8  ? 2.186   0.067   -3.637  1.00 4.32  ? 350 THR B C   1 
ATOM   422 O  O   . THR B 1 8  ? 1.859   -0.436  -4.690  1.00 3.87  ? 350 THR B O   1 
ATOM   423 C  CB  . THR B 1 8  ? 1.220   -0.796  -1.454  1.00 2.82  ? 350 THR B CB  1 
ATOM   424 O  OG1 . THR B 1 8  ? 1.478   -1.605  -0.316  1.00 6.76  ? 350 THR B OG1 1 
ATOM   425 C  CG2 . THR B 1 8  ? -0.021  -1.312  -2.102  1.00 3.55  ? 350 THR B CG2 1 
ATOM   426 N  N   . LYS B 1 9  ? 2.374   1.383   -3.513  1.00 5.52  ? 351 LYS B N   1 
ATOM   427 C  CA  . LYS B 1 9  ? 2.237   2.258   -4.674  1.00 4.63  ? 351 LYS B CA  1 
ATOM   428 C  C   . LYS B 1 9  ? 3.238   1.971   -5.744  1.00 6.60  ? 351 LYS B C   1 
ATOM   429 O  O   . LYS B 1 9  ? 2.885   2.093   -6.935  1.00 6.54  ? 351 LYS B O   1 
ATOM   430 C  CB  . LYS B 1 9  ? 2.294   3.736   -4.267  1.00 5.85  ? 351 LYS B CB  1 
ATOM   431 C  CG  . LYS B 1 9  ? 1.203   4.132   -3.251  1.00 3.16  ? 351 LYS B CG  1 
ATOM   432 C  CD  . LYS B 1 9  ? 1.288   5.576   -2.857  1.00 6.92  ? 351 LYS B CD  1 
ATOM   433 C  CE  . LYS B 1 9  ? 0.825   6.522   -4.000  1.00 8.05  ? 351 LYS B CE  1 
ATOM   434 N  NZ  . LYS B 1 9  ? -0.581  6.273   -4.497  1.00 10.08 ? 351 LYS B NZ  1 
ATOM   435 N  N   . MET B 1 10 ? 4.484   1.634   -5.370  1.00 6.52  ? 352 MET B N   1 
ATOM   436 C  CA  . MET B 1 10 ? 5.507   1.285   -6.366  1.00 8.84  ? 352 MET B CA  1 
ATOM   437 C  C   . MET B 1 10 ? 5.056   0.135   -7.234  1.00 6.99  ? 352 MET B C   1 
ATOM   438 O  O   . MET B 1 10 ? 5.231   0.153   -8.453  1.00 6.91  ? 352 MET B O   1 
ATOM   439 C  CB  . MET B 1 10 ? 6.846   0.875   -5.733  1.00 7.95  ? 352 MET B CB  1 
ATOM   440 C  CG  . MET B 1 10 ? 7.577   1.978   -5.029  1.00 11.02 ? 352 MET B CG  1 
ATOM   441 S  SD  . MET B 1 10 ? 9.201   1.371   -4.518  1.00 15.71 ? 352 MET B SD  1 
ATOM   442 C  CE  . MET B 1 10 ? 9.864   2.785   -3.701  1.00 9.98  ? 352 MET B CE  1 
ATOM   443 N  N   . ILE B 1 11 ? 4.520   -0.888  -6.587  1.00 6.89  ? 353 ILE B N   1 
ATOM   444 C  CA  . ILE B 1 11 ? 3.972   -2.065  -7.281  1.00 7.18  ? 353 ILE B CA  1 
ATOM   445 C  C   . ILE B 1 11 ? 2.837   -1.666  -8.249  1.00 7.27  ? 353 ILE B C   1 
ATOM   446 O  O   . ILE B 1 11 ? 2.857   -2.012  -9.439  1.00 7.20  ? 353 ILE B O   1 
ATOM   447 C  CB  . ILE B 1 11 ? 3.447   -3.106  -6.253  1.00 6.49  ? 353 ILE B CB  1 
ATOM   448 C  CG1 . ILE B 1 11 ? 4.600   -3.615  -5.376  1.00 7.00  ? 353 ILE B CG1 1 
ATOM   449 C  CG2 . ILE B 1 11 ? 2.760   -4.266  -6.966  1.00 6.42  ? 353 ILE B CG2 1 
ATOM   450 C  CD1 . ILE B 1 11 ? 4.137   -4.296  -4.068  1.00 6.64  ? 353 ILE B CD1 1 
ATOM   451 N  N   . THR B 1 12 ? 1.855   -0.946  -7.718  1.00 9.08  ? 354 THR B N   1 
ATOM   452 C  CA  . THR B 1 12 ? 0.729   -0.399  -8.518  1.00 10.53 ? 354 THR B CA  1 
ATOM   453 C  C   . THR B 1 12 ? 1.229   0.373   -9.728  1.00 11.61 ? 354 THR B C   1 
ATOM   454 O  O   . THR B 1 12 ? 0.717   0.163   -10.858 1.00 12.37 ? 354 THR B O   1 
ATOM   455 C  CB  . THR B 1 12 ? -0.260  0.456   -7.640  1.00 10.73 ? 354 THR B CB  1 
ATOM   456 O  OG1 . THR B 1 12 ? -0.871  -0.383  -6.660  1.00 11.41 ? 354 THR B OG1 1 
ATOM   457 C  CG2 . THR B 1 12 ? -1.400  1.089   -8.457  1.00 10.10 ? 354 THR B CG2 1 
ATOM   458 N  N   . ASP B 1 13 ? 2.266   1.203   -9.535  1.00 12.37 ? 355 ASP B N   1 
ATOM   459 C  CA  . ASP B 1 13 ? 2.771   2.060   -10.628 1.00 14.15 ? 355 ASP B CA  1 
ATOM   460 C  C   . ASP B 1 13 ? 3.598   1.312   -11.666 1.00 15.38 ? 355 ASP B C   1 
ATOM   461 O  O   . ASP B 1 13 ? 3.533   1.614   -12.835 1.00 15.32 ? 355 ASP B O   1 
ATOM   462 C  CB  . ASP B 1 13 ? 3.703   3.148   -10.074 1.00 13.75 ? 355 ASP B CB  1 
ATOM   463 C  CG  . ASP B 1 13 ? 2.957   4.282   -9.427  1.00 16.46 ? 355 ASP B CG  1 
ATOM   464 O  OD1 . ASP B 1 13 ? 1.752   4.397   -9.694  1.00 14.98 ? 355 ASP B OD1 1 
ATOM   465 O  OD2 . ASP B 1 13 ? 3.576   5.054   -8.642  1.00 20.46 ? 355 ASP B OD2 1 
ATOM   466 N  N   . SER B 1 14 ? 4.429   0.395   -11.201 1.00 16.41 ? 356 SER B N   1 
ATOM   467 C  CA  A SER B 1 14 ? 5.488   -0.195  -12.012 0.50 17.87 ? 356 SER B CA  1 
ATOM   468 C  CA  B SER B 1 14 ? 5.480   -0.188  -12.031 0.50 18.16 ? 356 SER B CA  1 
ATOM   469 C  C   . SER B 1 14 ? 5.025   -1.480  -12.683 1.00 18.74 ? 356 SER B C   1 
ATOM   470 O  O   . SER B 1 14 ? 5.273   -1.708  -13.865 1.00 19.40 ? 356 SER B O   1 
ATOM   471 C  CB  A SER B 1 14 ? 6.723   -0.502  -11.137 0.50 17.73 ? 356 SER B CB  1 
ATOM   472 C  CB  B SER B 1 14 ? 6.745   -0.455  -11.188 0.50 18.12 ? 356 SER B CB  1 
ATOM   473 O  OG  A SER B 1 14 ? 7.087   0.601   -10.309 0.50 16.79 ? 356 SER B OG  1 
ATOM   474 O  OG  B SER B 1 14 ? 7.920   -0.496  -11.988 0.50 18.85 ? 356 SER B OG  1 
ATOM   475 N  N   . VAL B 1 15 ? 4.371   -2.325  -11.897 1.00 19.57 ? 357 VAL B N   1 
ATOM   476 C  CA  . VAL B 1 15 ? 4.087   -3.690  -12.310 1.00 19.89 ? 357 VAL B CA  1 
ATOM   477 C  C   . VAL B 1 15 ? 2.732   -3.794  -13.013 1.00 19.90 ? 357 VAL B C   1 
ATOM   478 O  O   . VAL B 1 15 ? 1.683   -3.658  -12.363 1.00 20.64 ? 357 VAL B O   1 
ATOM   479 C  CB  . VAL B 1 15 ? 4.187   -4.659  -11.084 1.00 19.51 ? 357 VAL B CB  1 
ATOM   480 C  CG1 . VAL B 1 15 ? 4.285   -6.084  -11.556 1.00 20.26 ? 357 VAL B CG1 1 
ATOM   481 C  CG2 . VAL B 1 15 ? 5.419   -4.322  -10.190 1.00 17.71 ? 357 VAL B CG2 1 
ATOM   482 N  N   . ALA B 1 16 ? 2.751   -4.046  -14.330 1.00 19.95 ? 358 ALA B N   1 
ATOM   483 C  CA  . ALA B 1 16 ? 1.502   -4.082  -15.111 1.00 19.81 ? 358 ALA B CA  1 
ATOM   484 C  C   . ALA B 1 16 ? 0.893   -5.487  -15.152 1.00 19.42 ? 358 ALA B C   1 
ATOM   485 O  O   . ALA B 1 16 ? -0.320  -5.638  -15.291 1.00 19.81 ? 358 ALA B O   1 
ATOM   486 C  CB  . ALA B 1 16 ? 1.688   -3.493  -16.549 1.00 20.71 ? 358 ALA B CB  1 
ATOM   487 N  N   . ASN B 1 17 ? 1.723   -6.517  -15.010 1.00 17.48 ? 359 ASN B N   1 
ATOM   488 C  CA  . ASN B 1 17 ? 1.193   -7.867  -15.004 1.00 15.16 ? 359 ASN B CA  1 
ATOM   489 C  C   . ASN B 1 17 ? 0.497   -8.202  -13.656 1.00 13.72 ? 359 ASN B C   1 
ATOM   490 O  O   . ASN B 1 17 ? 1.137   -8.232  -12.600 1.00 13.56 ? 359 ASN B O   1 
ATOM   491 C  CB  . ASN B 1 17 ? 2.333   -8.817  -15.329 1.00 15.83 ? 359 ASN B CB  1 
ATOM   492 C  CG  . ASN B 1 17 ? 1.921   -10.238 -15.334 1.00 14.82 ? 359 ASN B CG  1 
ATOM   493 O  OD1 . ASN B 1 17 ? 1.991   -10.912 -14.317 1.00 14.88 ? 359 ASN B OD1 1 
ATOM   494 N  ND2 . ASN B 1 17 ? 1.559   -10.738 -16.497 1.00 16.93 ? 359 ASN B ND2 1 
ATOM   495 N  N   . PRO B 1 18 ? -0.821  -8.431  -13.683 1.00 12.49 ? 360 PRO B N   1 
ATOM   496 C  CA  . PRO B 1 18 ? -1.582  -8.569  -12.433 1.00 11.63 ? 360 PRO B CA  1 
ATOM   497 C  C   . PRO B 1 18 ? -1.137  -9.765  -11.585 1.00 9.97  ? 360 PRO B C   1 
ATOM   498 O  O   . PRO B 1 18 ? -1.248  -9.728  -10.362 1.00 9.94  ? 360 PRO B O   1 
ATOM   499 C  CB  . PRO B 1 18 ? -3.024  -8.748  -12.906 1.00 11.44 ? 360 PRO B CB  1 
ATOM   500 C  CG  . PRO B 1 18 ? -3.023  -8.165  -14.294 1.00 13.83 ? 360 PRO B CG  1 
ATOM   501 C  CD  . PRO B 1 18 ? -1.688  -8.606  -14.855 1.00 13.10 ? 360 PRO B CD  1 
ATOM   502 N  N   . GLN B 1 19 ? -0.595  -10.799 -12.213 1.00 8.34  ? 361 GLN B N   1 
ATOM   503 C  CA  . GLN B 1 19 ? -0.086  -11.926 -11.447 1.00 7.93  ? 361 GLN B CA  1 
ATOM   504 C  C   . GLN B 1 19 ? 1.178   -11.592 -10.661 1.00 6.26  ? 361 GLN B C   1 
ATOM   505 O  O   . GLN B 1 19 ? 1.329   -12.023 -9.515  1.00 4.07  ? 361 GLN B O   1 
ATOM   506 C  CB  . GLN B 1 19 ? 0.101   -13.167 -12.321 1.00 7.67  ? 361 GLN B CB  1 
ATOM   507 C  CG  . GLN B 1 19 ? -1.152  -14.051 -12.406 1.00 11.22 ? 361 GLN B CG  1 
ATOM   508 C  CD  . GLN B 1 19 ? -0.951  -15.242 -13.357 1.00 11.50 ? 361 GLN B CD  1 
ATOM   509 O  OE1 . GLN B 1 19 ? 0.007   -15.294 -14.119 1.00 18.52 ? 361 GLN B OE1 1 
ATOM   510 N  NE2 . GLN B 1 19 ? -1.874  -16.171 -13.330 1.00 20.77 ? 361 GLN B NE2 1 
ATOM   511 N  N   . MET B 1 20 ? 2.080   -10.837 -11.285 1.00 5.80  ? 362 MET B N   1 
ATOM   512 C  CA  . MET B 1 20 ? 3.304   -10.362 -10.611 1.00 7.32  ? 362 MET B CA  1 
ATOM   513 C  C   . MET B 1 20 ? 2.967   -9.379  -9.515  1.00 6.08  ? 362 MET B C   1 
ATOM   514 O  O   . MET B 1 20 ? 3.574   -9.359  -8.481  1.00 6.29  ? 362 MET B O   1 
ATOM   515 C  CB  . MET B 1 20 ? 4.189   -9.658  -11.625 1.00 6.43  ? 362 MET B CB  1 
ATOM   516 C  CG  . MET B 1 20 ? 4.945   -10.618 -12.522 1.00 7.63  ? 362 MET B CG  1 
ATOM   517 S  SD  . MET B 1 20 ? 5.940   -9.717  -13.706 1.00 11.32 ? 362 MET B SD  1 
ATOM   518 C  CE  . MET B 1 20 ? 7.077   -8.952  -12.561 1.00 5.37  ? 362 MET B CE  1 
ATOM   519 N  N   . LYS B 1 21 ? 1.978   -8.553  -9.782  1.00 6.82  ? 363 LYS B N   1 
ATOM   520 C  CA  . LYS B 1 21 ? 1.448   -7.589  -8.825  1.00 7.95  ? 363 LYS B CA  1 
ATOM   521 C  C   . LYS B 1 21 ? 0.890   -8.280  -7.551  1.00 6.33  ? 363 LYS B C   1 
ATOM   522 O  O   . LYS B 1 21 ? 1.256   -7.869  -6.444  1.00 4.93  ? 363 LYS B O   1 
ATOM   523 C  CB  . LYS B 1 21 ? 0.423   -6.703  -9.575  1.00 7.14  ? 363 LYS B CB  1 
ATOM   524 C  CG  . LYS B 1 21 ? -0.306  -5.673  -8.744  1.00 12.86 ? 363 LYS B CG  1 
ATOM   525 C  CD  . LYS B 1 21 ? -0.916  -4.519  -9.595  1.00 10.51 ? 363 LYS B CD  1 
ATOM   526 C  CE  A LYS B 1 21 ? -1.777  -3.659  -8.646  0.50 14.81 ? 363 LYS B CE  1 
ATOM   527 C  CE  B LYS B 1 21 ? -2.223  -3.980  -9.046  0.50 14.20 ? 363 LYS B CE  1 
ATOM   528 N  NZ  A LYS B 1 21 ? -2.632  -4.474  -7.678  0.50 14.05 ? 363 LYS B NZ  1 
ATOM   529 N  NZ  B LYS B 1 21 ? -2.996  -3.254  -10.095 0.50 10.72 ? 363 LYS B NZ  1 
ATOM   530 N  N   . GLN B 1 22 ? 0.021   -9.300  -7.706  1.00 6.28  ? 364 GLN B N   1 
ATOM   531 C  CA  . GLN B 1 22 ? -0.478  -10.129 -6.558  1.00 7.45  ? 364 GLN B CA  1 
ATOM   532 C  C   . GLN B 1 22 ? 0.687   -10.794 -5.791  1.00 5.26  ? 364 GLN B C   1 
ATOM   533 O  O   . GLN B 1 22 ? 0.654   -10.825 -4.568  1.00 4.20  ? 364 GLN B O   1 
ATOM   534 C  CB  . GLN B 1 22 ? -1.447  -11.282 -6.961  1.00 6.46  ? 364 GLN B CB  1 
ATOM   535 C  CG  . GLN B 1 22 ? -2.601  -10.940 -7.972  1.00 12.13 ? 364 GLN B CG  1 
ATOM   536 C  CD  . GLN B 1 22 ? -3.052  -12.131 -8.915  1.00 12.31 ? 364 GLN B CD  1 
ATOM   537 O  OE1 . GLN B 1 22 ? -2.733  -13.324 -8.688  1.00 16.26 ? 364 GLN B OE1 1 
ATOM   538 N  NE2 . GLN B 1 22 ? -3.735  -11.764 -10.027 1.00 18.19 ? 364 GLN B NE2 1 
ATOM   539 N  N   . ALA B 1 23 ? 1.671   -11.365 -6.512  1.00 3.46  ? 365 ALA B N   1 
ATOM   540 C  CA  . ALA B 1 23 ? 2.832   -11.991 -5.860  1.00 2.19  ? 365 ALA B CA  1 
ATOM   541 C  C   . ALA B 1 23 ? 3.648   -10.966 -5.076  1.00 2.09  ? 365 ALA B C   1 
ATOM   542 O  O   . ALA B 1 23 ? 3.999   -11.237 -3.914  1.00 2.00  ? 365 ALA B O   1 
ATOM   543 C  CB  . ALA B 1 23 ? 3.724   -12.713 -6.877  1.00 2.00  ? 365 ALA B CB  1 
ATOM   544 N  N   . PHE B 1 24 ? 3.931   -9.787  -5.687  1.00 2.00  ? 366 PHE B N   1 
ATOM   545 C  CA  . PHE B 1 24 ? 4.657   -8.753  -4.966  1.00 2.92  ? 366 PHE B CA  1 
ATOM   546 C  C   . PHE B 1 24 ? 3.928   -8.294  -3.678  1.00 4.33  ? 366 PHE B C   1 
ATOM   547 O  O   . PHE B 1 24 ? 4.558   -8.082  -2.613  1.00 4.37  ? 366 PHE B O   1 
ATOM   548 C  CB  . PHE B 1 24 ? 4.972   -7.567  -5.872  1.00 2.35  ? 366 PHE B CB  1 
ATOM   549 C  CG  . PHE B 1 24 ? 6.289   -7.675  -6.598  1.00 2.00  ? 366 PHE B CG  1 
ATOM   550 C  CD1 . PHE B 1 24 ? 7.457   -7.975  -5.922  1.00 2.00  ? 366 PHE B CD1 1 
ATOM   551 C  CD2 . PHE B 1 24 ? 6.368   -7.410  -7.990  1.00 2.00  ? 366 PHE B CD2 1 
ATOM   552 C  CE1 . PHE B 1 24 ? 8.679   -8.040  -6.625  1.00 2.17  ? 366 PHE B CE1 1 
ATOM   553 C  CE2 . PHE B 1 24 ? 7.591   -7.468  -8.690  1.00 2.00  ? 366 PHE B CE2 1 
ATOM   554 C  CZ  . PHE B 1 24 ? 8.718   -7.784  -8.009  1.00 2.00  ? 366 PHE B CZ  1 
ATOM   555 N  N   . GLU B 1 25 ? 2.594   -8.176  -3.768  1.00 5.63  ? 367 GLU B N   1 
ATOM   556 C  CA  . GLU B 1 25 ? 1.772   -7.714  -2.627  1.00 6.22  ? 367 GLU B CA  1 
ATOM   557 C  C   . GLU B 1 25 ? 1.707   -8.787  -1.511  1.00 5.52  ? 367 GLU B C   1 
ATOM   558 O  O   . GLU B 1 25 ? 1.684   -8.442  -0.324  1.00 4.16  ? 367 GLU B O   1 
ATOM   559 C  CB  . GLU B 1 25 ? 0.366   -7.341  -3.089  1.00 6.12  ? 367 GLU B CB  1 
ATOM   560 C  CG  . GLU B 1 25 ? 0.257   -5.975  -3.843  1.00 6.60  ? 367 GLU B CG  1 
ATOM   561 C  CD  . GLU B 1 25 ? -1.151  -5.758  -4.514  1.00 10.77 ? 367 GLU B CD  1 
ATOM   562 O  OE1 . GLU B 1 25 ? -1.991  -6.726  -4.491  1.00 15.56 ? 367 GLU B OE1 1 
ATOM   563 O  OE2 . GLU B 1 25 ? -1.425  -4.617  -5.040  1.00 13.11 ? 367 GLU B OE2 1 
ATOM   564 N  N   . GLN B 1 26 ? 1.665   -10.074 -1.901  1.00 5.16  ? 368 GLN B N   1 
ATOM   565 C  CA  . GLN B 1 26 ? 1.802   -11.163 -0.923  1.00 6.19  ? 368 GLN B CA  1 
ATOM   566 C  C   . GLN B 1 26 ? 3.152   -11.099 -0.204  1.00 6.32  ? 368 GLN B C   1 
ATOM   567 O  O   . GLN B 1 26 ? 3.222   -11.271 0.997   1.00 7.38  ? 368 GLN B O   1 
ATOM   568 C  CB  . GLN B 1 26 ? 1.601   -12.531 -1.583  1.00 4.57  ? 368 GLN B CB  1 
ATOM   569 C  CG  . GLN B 1 26 ? 0.144   -12.874 -1.906  1.00 4.89  ? 368 GLN B CG  1 
ATOM   570 C  CD  . GLN B 1 26 ? -0.539  -13.713 -0.820  1.00 7.38  ? 368 GLN B CD  1 
ATOM   571 O  OE1 . GLN B 1 26 ? -0.055  -13.791 0.311   1.00 8.12  ? 368 GLN B OE1 1 
ATOM   572 N  NE2 . GLN B 1 26 ? -1.651  -14.366 -1.175  1.00 2.17  ? 368 GLN B NE2 1 
ATOM   573 N  N   . ARG B 1 27 ? 4.206   -10.845 -0.969  1.00 8.00  ? 369 ARG B N   1 
ATOM   574 C  CA  . ARG B 1 27 ? 5.577   -10.701 -0.478  1.00 9.23  ? 369 ARG B CA  1 
ATOM   575 C  C   . ARG B 1 27 ? 5.626   -9.520  0.475   1.00 7.99  ? 369 ARG B C   1 
ATOM   576 O  O   . ARG B 1 27 ? 6.155   -9.623  1.590   1.00 7.85  ? 369 ARG B O   1 
ATOM   577 C  CB  . ARG B 1 27 ? 6.546   -10.501 -1.667  1.00 9.28  ? 369 ARG B CB  1 
ATOM   578 C  CG  . ARG B 1 27 ? 7.973   -11.095 -1.461  1.00 14.33 ? 369 ARG B CG  1 
ATOM   579 C  CD  . ARG B 1 27 ? 8.857   -11.098 -2.709  1.00 13.18 ? 369 ARG B CD  1 
ATOM   580 N  NE  . ARG B 1 27 ? 10.251  -10.791 -2.348  1.00 18.49 ? 369 ARG B NE  1 
ATOM   581 C  CZ  . ARG B 1 27 ? 11.192  -10.398 -3.215  1.00 23.36 ? 369 ARG B CZ  1 
ATOM   582 N  NH1 . ARG B 1 27 ? 10.928  -10.307 -4.525  1.00 24.96 ? 369 ARG B NH1 1 
ATOM   583 N  NH2 . ARG B 1 27 ? 12.433  -10.128 -2.790  1.00 24.96 ? 369 ARG B NH2 1 
ATOM   584 N  N   . LEU B 1 28 ? 5.062   -8.385  0.046   1.00 6.82  ? 370 LEU B N   1 
ATOM   585 C  CA  . LEU B 1 28 ? 5.124   -7.167  0.841   1.00 5.71  ? 370 LEU B CA  1 
ATOM   586 C  C   . LEU B 1 28 ? 4.316   -7.269  2.134   1.00 6.99  ? 370 LEU B C   1 
ATOM   587 O  O   . LEU B 1 28 ? 4.763   -6.800  3.183   1.00 6.28  ? 370 LEU B O   1 
ATOM   588 C  CB  . LEU B 1 28 ? 4.702   -5.934  0.010   1.00 5.11  ? 370 LEU B CB  1 
ATOM   589 C  CG  . LEU B 1 28 ? 4.736   -4.553  0.691   1.00 4.30  ? 370 LEU B CG  1 
ATOM   590 C  CD1 . LEU B 1 28 ? 6.121   -4.115  1.160   1.00 3.90  ? 370 LEU B CD1 1 
ATOM   591 C  CD2 . LEU B 1 28 ? 4.156   -3.494  -0.275  1.00 3.51  ? 370 LEU B CD2 1 
ATOM   592 N  N   . ALA B 1 29 ? 3.153   -7.910  2.069   1.00 7.97  ? 371 ALA B N   1 
ATOM   593 C  CA  . ALA B 1 29 ? 2.295   -8.025  3.232   1.00 10.04 ? 371 ALA B CA  1 
ATOM   594 C  C   . ALA B 1 29 ? 2.979   -8.853  4.296   1.00 11.93 ? 371 ALA B C   1 
ATOM   595 O  O   . ALA B 1 29 ? 2.788   -8.592  5.484   1.00 13.08 ? 371 ALA B O   1 
ATOM   596 C  CB  . ALA B 1 29 ? 0.958   -8.637  2.873   1.00 9.73  ? 371 ALA B CB  1 
ATOM   597 N  N   . LYS B 1 30 ? 3.802   -9.817  3.876   1.00 13.62 ? 372 LYS B N   1 
ATOM   598 C  CA  . LYS B 1 30 ? 4.491   -10.675 4.835   1.00 15.31 ? 372 LYS B CA  1 
ATOM   599 C  C   . LYS B 1 30 ? 5.764   -10.042 5.408   1.00 15.06 ? 372 LYS B C   1 
ATOM   600 O  O   . LYS B 1 30 ? 6.086   -10.293 6.553   1.00 16.05 ? 372 LYS B O   1 
ATOM   601 C  CB  . LYS B 1 30 ? 4.695   -12.079 4.256   1.00 15.81 ? 372 LYS B CB  1 
ATOM   602 C  CG  . LYS B 1 30 ? 5.835   -12.901 4.842   1.00 21.02 ? 372 LYS B CG  1 
ATOM   603 C  CD  . LYS B 1 30 ? 5.484   -14.424 4.751   1.00 24.05 ? 372 LYS B CD  1 
ATOM   604 C  CE  . LYS B 1 30 ? 6.585   -15.382 5.262   1.00 23.15 ? 372 LYS B CE  1 
ATOM   605 N  NZ  . LYS B 1 30 ? 6.027   -16.815 5.446   1.00 24.61 ? 372 LYS B NZ  1 
ATOM   606 N  N   . ALA B 1 31 ? 6.447   -9.181  4.652   1.00 14.49 ? 373 ALA B N   1 
ATOM   607 C  CA  . ALA B 1 31 ? 7.722   -8.608  5.112   1.00 13.73 ? 373 ALA B CA  1 
ATOM   608 C  C   . ALA B 1 31 ? 7.575   -7.522  6.181   1.00 13.62 ? 373 ALA B C   1 
ATOM   609 O  O   . ALA B 1 31 ? 6.698   -6.694  6.126   1.00 12.71 ? 373 ALA B O   1 
ATOM   610 C  CB  . ALA B 1 31 ? 8.540   -8.072  3.938   1.00 14.31 ? 373 ALA B CB  1 
ATOM   611 N  N   . SER B 1 32 ? 8.463   -7.522  7.156   1.00 13.83 ? 374 SER B N   1 
ATOM   612 C  CA  . SER B 1 32 ? 8.341   -6.552  8.233   1.00 14.77 ? 374 SER B CA  1 
ATOM   613 C  C   . SER B 1 32 ? 9.654   -5.890  8.685   1.00 13.91 ? 374 SER B C   1 
ATOM   614 O  O   . SER B 1 32 ? 9.643   -5.088  9.636   1.00 16.06 ? 374 SER B O   1 
ATOM   615 C  CB  . SER B 1 32 ? 7.575   -7.168  9.423   1.00 16.33 ? 374 SER B CB  1 
ATOM   616 O  OG  . SER B 1 32 ? 8.221   -8.322  9.976   1.00 18.07 ? 374 SER B OG  1 
ATOM   617 N  N   . THR B 1 33 ? 10.767  -6.206  8.021   1.00 10.50 ? 375 THR B N   1 
ATOM   618 C  CA  . THR B 1 33 ? 12.082  -5.686  8.434   1.00 8.12  ? 375 THR B CA  1 
ATOM   619 C  C   . THR B 1 33 ? 12.709  -4.983  7.242   1.00 7.62  ? 375 THR B C   1 
ATOM   620 O  O   . THR B 1 33 ? 12.389  -5.323  6.101   1.00 5.68  ? 375 THR B O   1 
ATOM   621 C  CB  . THR B 1 33 ? 13.039  -6.816  8.852   1.00 7.65  ? 375 THR B CB  1 
ATOM   622 O  OG1 . THR B 1 33 ? 13.215  -7.722  7.742   1.00 5.91  ? 375 THR B OG1 1 
ATOM   623 C  CG2 . THR B 1 33 ? 12.505  -7.580  10.078  1.00 7.10  ? 375 THR B CG2 1 
ATOM   624 N  N   . GLU B 1 34 ? 13.637  -4.066  7.523   1.00 7.33  ? 376 GLU B N   1 
ATOM   625 C  CA  . GLU B 1 34 ? 14.261  -3.211  6.515   1.00 7.84  ? 376 GLU B CA  1 
ATOM   626 C  C   . GLU B 1 34 ? 14.986  -4.008  5.444   1.00 7.76  ? 376 GLU B C   1 
ATOM   627 O  O   . GLU B 1 34 ? 14.975  -3.615  4.292   1.00 6.56  ? 376 GLU B O   1 
ATOM   628 C  CB  . GLU B 1 34 ? 15.226  -2.216  7.183   1.00 9.12  ? 376 GLU B CB  1 
ATOM   629 C  CG  . GLU B 1 34 ? 15.900  -1.249  6.224   0.50 9.95  ? 376 GLU B CG  1 
ATOM   630 C  CD  . GLU B 1 34 ? 17.280  -0.798  6.705   0.50 14.14 ? 376 GLU B CD  1 
ATOM   631 O  OE1 . GLU B 1 34 ? 17.486  -0.695  7.941   0.50 12.68 ? 376 GLU B OE1 1 
ATOM   632 O  OE2 . GLU B 1 34 ? 18.148  -0.530  5.829   0.50 15.28 ? 376 GLU B OE2 1 
ATOM   633 N  N   . ASP B 1 35 ? 15.594  -5.143  5.828   1.00 8.14  ? 377 ASP B N   1 
ATOM   634 C  CA  . ASP B 1 35 ? 16.325  -5.968  4.872   1.00 8.90  ? 377 ASP B CA  1 
ATOM   635 C  C   . ASP B 1 35 ? 15.390  -6.677  3.841   1.00 8.79  ? 377 ASP B C   1 
ATOM   636 O  O   . ASP B 1 35 ? 15.669  -6.722  2.649   1.00 9.37  ? 377 ASP B O   1 
ATOM   637 C  CB  . ASP B 1 35 ? 17.302  -6.938  5.601   1.00 9.88  ? 377 ASP B CB  1 
ATOM   638 C  CG  . ASP B 1 35 ? 16.600  -7.937  6.539   1.00 11.79 ? 377 ASP B CG  1 
ATOM   639 O  OD1 . ASP B 1 35 ? 15.596  -7.584  7.192   1.00 18.31 ? 377 ASP B OD1 1 
ATOM   640 O  OD2 . ASP B 1 35 ? 17.055  -9.097  6.638   1.00 12.42 ? 377 ASP B OD2 1 
ATOM   641 N  N   . ALA B 1 36 ? 14.261  -7.173  4.320   1.00 7.94  ? 378 ALA B N   1 
ATOM   642 C  CA  . ALA B 1 36 ? 13.264  -7.812  3.489   1.00 6.72  ? 378 ALA B CA  1 
ATOM   643 C  C   . ALA B 1 36 ? 12.607  -6.802  2.559   1.00 6.13  ? 378 ALA B C   1 
ATOM   644 O  O   . ALA B 1 36 ? 12.369  -7.107  1.405   1.00 6.45  ? 378 ALA B O   1 
ATOM   645 C  CB  . ALA B 1 36 ? 12.240  -8.512  4.352   1.00 6.13  ? 378 ALA B CB  1 
ATOM   646 N  N   . LEU B 1 37 ? 12.327  -5.595  3.051   1.00 5.73  ? 379 LEU B N   1 
ATOM   647 C  CA  . LEU B 1 37 ? 11.714  -4.542  2.205   1.00 6.05  ? 379 LEU B CA  1 
ATOM   648 C  C   . LEU B 1 37 ? 12.676  -4.048  1.105   1.00 6.32  ? 379 LEU B C   1 
ATOM   649 O  O   . LEU B 1 37 ? 12.266  -3.796  -0.026  1.00 6.24  ? 379 LEU B O   1 
ATOM   650 C  CB  . LEU B 1 37 ? 11.265  -3.369  3.079   1.00 6.72  ? 379 LEU B CB  1 
ATOM   651 C  CG  . LEU B 1 37 ? 10.164  -3.621  4.134   1.00 8.81  ? 379 LEU B CG  1 
ATOM   652 C  CD1 . LEU B 1 37 ? 10.094  -2.415  5.073   1.00 12.68 ? 379 LEU B CD1 1 
ATOM   653 C  CD2 . LEU B 1 37 ? 8.856   -3.773  3.464   1.00 4.92  ? 379 LEU B CD2 1 
ATOM   654 N  N   . ASN B 1 38 ? 13.956  -3.911  1.434   1.00 5.01  ? 380 ASN B N   1 
ATOM   655 C  CA  . ASN B 1 38 ? 14.948  -3.563  0.432   1.00 4.98  ? 380 ASN B CA  1 
ATOM   656 C  C   . ASN B 1 38 ? 14.996  -4.588  -0.706  1.00 4.32  ? 380 ASN B C   1 
ATOM   657 O  O   . ASN B 1 38 ? 15.100  -4.209  -1.874  1.00 5.07  ? 380 ASN B O   1 
ATOM   658 C  CB  . ASN B 1 38 ? 16.340  -3.429  1.066   1.00 4.04  ? 380 ASN B CB  1 
ATOM   659 C  CG  . ASN B 1 38 ? 16.503  -2.143  1.883   1.00 6.73  ? 380 ASN B CG  1 
ATOM   660 O  OD1 . ASN B 1 38 ? 15.691  -1.237  1.792   1.00 9.21  ? 380 ASN B OD1 1 
ATOM   661 N  ND2 . ASN B 1 38 ? 17.573  -2.065  2.673   1.00 8.45  ? 380 ASN B ND2 1 
ATOM   662 N  N   . ASP B 1 39 ? 14.940  -5.880  -0.377  1.00 5.36  ? 381 ASP B N   1 
ATOM   663 C  CA  . ASP B 1 39 ? 15.000  -6.934  -1.419  1.00 5.74  ? 381 ASP B CA  1 
ATOM   664 C  C   . ASP B 1 39 ? 13.765  -6.874  -2.303  1.00 4.76  ? 381 ASP B C   1 
ATOM   665 O  O   . ASP B 1 39 ? 13.863  -7.039  -3.516  1.00 6.64  ? 381 ASP B O   1 
ATOM   666 C  CB  . ASP B 1 39 ? 15.106  -8.340  -0.835  1.00 5.76  ? 381 ASP B CB  1 
ATOM   667 C  CG  . ASP B 1 39 ? 16.450  -8.612  -0.112  1.00 8.63  ? 381 ASP B CG  1 
ATOM   668 O  OD1 . ASP B 1 39 ? 17.350  -7.740  -0.100  1.00 8.33  ? 381 ASP B OD1 1 
ATOM   669 O  OD2 . ASP B 1 39 ? 16.587  -9.746  0.412   1.00 12.49 ? 381 ASP B OD2 1 
ATOM   670 N  N   . ILE B 1 40 ? 12.611  -6.626  -1.704  1.00 4.28  ? 382 ILE B N   1 
ATOM   671 C  CA  . ILE B 1 40 ? 11.392  -6.433  -2.484  1.00 4.08  ? 382 ILE B CA  1 
ATOM   672 C  C   . ILE B 1 40 ? 11.518  -5.197  -3.374  1.00 3.69  ? 382 ILE B C   1 
ATOM   673 O  O   . ILE B 1 40 ? 11.260  -5.288  -4.567  1.00 3.80  ? 382 ILE B O   1 
ATOM   674 C  CB  . ILE B 1 40 ? 10.094  -6.326  -1.615  1.00 3.39  ? 382 ILE B CB  1 
ATOM   675 C  CG1 . ILE B 1 40 ? 9.862   -7.584  -0.808  1.00 5.52  ? 382 ILE B CG1 1 
ATOM   676 C  CG2 . ILE B 1 40 ? 8.874   -6.084  -2.549  1.00 2.22  ? 382 ILE B CG2 1 
ATOM   677 C  CD1 . ILE B 1 40 ? 8.790   -7.449  0.341   1.00 4.45  ? 382 ILE B CD1 1 
ATOM   678 N  N   . LYS B 1 41 ? 11.934  -4.044  -2.828  1.00 3.24  ? 383 LYS B N   1 
ATOM   679 C  CA  . LYS B 1 41 ? 12.202  -2.851  -3.714  1.00 2.79  ? 383 LYS B CA  1 
ATOM   680 C  C   . LYS B 1 41 ? 13.178  -3.159  -4.856  1.00 2.84  ? 383 LYS B C   1 
ATOM   681 O  O   . LYS B 1 41 ? 12.962  -2.743  -6.033  1.00 2.71  ? 383 LYS B O   1 
ATOM   682 C  CB  . LYS B 1 41 ? 12.698  -1.643  -2.914  1.00 2.71  ? 383 LYS B CB  1 
ATOM   683 C  CG  . LYS B 1 41 ? 11.596  -1.089  -1.933  1.00 3.07  ? 383 LYS B CG  1 
ATOM   684 C  CD  . LYS B 1 41 ? 12.109  0.118   -1.180  1.00 5.26  ? 383 LYS B CD  1 
ATOM   685 C  CE  . LYS B 1 41 ? 12.697  -0.234  0.132   1.00 7.61  ? 383 LYS B CE  1 
ATOM   686 N  NZ  . LYS B 1 41 ? 13.010  1.029   0.895   1.00 10.97 ? 383 LYS B NZ  1 
ATOM   687 N  N   . ARG B 1 42 ? 14.249  -3.876  -4.504  1.00 2.05  ? 384 ARG B N   1 
ATOM   688 C  CA  . ARG B 1 42 ? 15.266  -4.283  -5.480  1.00 3.43  ? 384 ARG B CA  1 
ATOM   689 C  C   . ARG B 1 42 ? 14.600  -5.016  -6.647  1.00 3.76  ? 384 ARG B C   1 
ATOM   690 O  O   . ARG B 1 42 ? 14.790  -4.683  -7.826  1.00 3.40  ? 384 ARG B O   1 
ATOM   691 C  CB  . ARG B 1 42 ? 16.325  -5.169  -4.800  1.00 2.00  ? 384 ARG B CB  1 
ATOM   692 C  CG  . ARG B 1 42 ? 17.368  -5.709  -5.707  1.00 2.00  ? 384 ARG B CG  1 
ATOM   693 C  CD  . ARG B 1 42 ? 18.032  -6.967  -5.068  1.00 2.00  ? 384 ARG B CD  1 
ATOM   694 N  NE  . ARG B 1 42 ? 17.064  -8.041  -4.920  1.00 2.81  ? 384 ARG B NE  1 
ATOM   695 C  CZ  . ARG B 1 42 ? 17.171  -9.056  -4.059  1.00 2.00  ? 384 ARG B CZ  1 
ATOM   696 N  NH1 . ARG B 1 42 ? 18.216  -9.150  -3.287  1.00 2.00  ? 384 ARG B NH1 1 
ATOM   697 N  NH2 . ARG B 1 42 ? 16.211  -9.990  -4.010  1.00 2.00  ? 384 ARG B NH2 1 
ATOM   698 N  N   . ASP B 1 43 ? 13.758  -5.991  -6.319  1.00 5.54  ? 385 ASP B N   1 
ATOM   699 C  CA  . ASP B 1 43 ? 13.110  -6.749  -7.403  1.00 6.04  ? 385 ASP B CA  1 
ATOM   700 C  C   . ASP B 1 43 ? 12.081  -5.979  -8.218  1.00 5.15  ? 385 ASP B C   1 
ATOM   701 O  O   . ASP B 1 43 ? 11.972  -6.227  -9.413  1.00 4.65  ? 385 ASP B O   1 
ATOM   702 C  CB  . ASP B 1 43 ? 12.577  -8.075  -6.876  1.00 6.53  ? 385 ASP B CB  1 
ATOM   703 C  CG  . ASP B 1 43 ? 13.726  -9.028  -6.500  1.00 9.06  ? 385 ASP B CG  1 
ATOM   704 O  OD1 . ASP B 1 43 ? 14.815  -8.951  -7.150  1.00 7.09  ? 385 ASP B OD1 1 
ATOM   705 O  OD2 . ASP B 1 43 ? 13.540  -9.813  -5.553  1.00 13.38 ? 385 ASP B OD2 1 
ATOM   706 N  N   . ILE B 1 44 ? 11.319  -5.090  -7.571  1.00 4.13  ? 386 ILE B N   1 
ATOM   707 C  CA  . ILE B 1 44 ? 10.412  -4.159  -8.259  1.00 4.04  ? 386 ILE B CA  1 
ATOM   708 C  C   . ILE B 1 44 ? 11.167  -3.276  -9.294  1.00 4.15  ? 386 ILE B C   1 
ATOM   709 O  O   . ILE B 1 44 ? 10.750  -3.188  -10.438 1.00 3.49  ? 386 ILE B O   1 
ATOM   710 C  CB  . ILE B 1 44 ? 9.585   -3.262  -7.278  1.00 3.75  ? 386 ILE B CB  1 
ATOM   711 C  CG1 . ILE B 1 44 ? 8.539   -4.070  -6.564  1.00 3.46  ? 386 ILE B CG1 1 
ATOM   712 C  CG2 . ILE B 1 44 ? 8.763   -2.249  -8.059  1.00 4.37  ? 386 ILE B CG2 1 
ATOM   713 C  CD1 . ILE B 1 44 ? 8.132   -3.479  -5.189  1.00 4.22  ? 386 ILE B CD1 1 
ATOM   714 N  N   . ILE B 1 45 ? 12.297  -2.681  -8.897  1.00 5.57  ? 387 ILE B N   1 
ATOM   715 C  CA  . ILE B 1 45 ? 13.093  -1.778  -9.763  1.00 6.24  ? 387 ILE B CA  1 
ATOM   716 C  C   . ILE B 1 45 ? 13.674  -2.578  -10.926 1.00 6.78  ? 387 ILE B C   1 
ATOM   717 O  O   . ILE B 1 45 ? 13.647  -2.111  -12.026 1.00 6.28  ? 387 ILE B O   1 
ATOM   718 C  CB  . ILE B 1 45 ? 14.237  -1.051  -9.001  1.00 5.63  ? 387 ILE B CB  1 
ATOM   719 C  CG1 . ILE B 1 45 ? 13.686  -0.191  -7.851  1.00 8.83  ? 387 ILE B CG1 1 
ATOM   720 C  CG2 . ILE B 1 45 ? 15.033  -0.183  -9.948  1.00 5.52  ? 387 ILE B CG2 1 
ATOM   721 C  CD1 . ILE B 1 45 ? 14.660  -0.011  -6.567  1.00 8.90  ? 387 ILE B CD1 1 
ATOM   722 N  N   . ARG B 1 46 ? 14.162  -3.793  -10.672 1.00 7.80  ? 388 ARG B N   1 
ATOM   723 C  CA  . ARG B 1 46 ? 14.638  -4.682  -11.728 1.00 9.81  ? 388 ARG B CA  1 
ATOM   724 C  C   . ARG B 1 46 ? 13.590  -5.122  -12.753 1.00 13.03 ? 388 ARG B C   1 
ATOM   725 O  O   . ARG B 1 46 ? 13.883  -5.182  -13.974 1.00 11.59 ? 388 ARG B O   1 
ATOM   726 C  CB  . ARG B 1 46 ? 15.249  -5.952  -11.150 1.00 9.01  ? 388 ARG B CB  1 
ATOM   727 C  CG  . ARG B 1 46 ? 16.629  -5.798  -10.515 1.00 6.14  ? 388 ARG B CG  1 
ATOM   728 C  CD  . ARG B 1 46 ? 16.946  -7.050  -9.738  1.00 4.36  ? 388 ARG B CD  1 
ATOM   729 N  NE  . ARG B 1 46 ? 18.285  -6.975  -9.168  1.00 4.79  ? 388 ARG B NE  1 
ATOM   730 C  CZ  . ARG B 1 46 ? 18.849  -7.916  -8.434  1.00 4.80  ? 388 ARG B CZ  1 
ATOM   731 N  NH1 . ARG B 1 46 ? 18.178  -9.029  -8.155  1.00 5.11  ? 388 ARG B NH1 1 
ATOM   732 N  NH2 . ARG B 1 46 ? 20.093  -7.744  -7.973  1.00 3.72  ? 388 ARG B NH2 1 
ATOM   733 N  N   . SER B 1 47 ? 12.403  -5.488  -12.259 1.00 15.78 ? 389 SER B N   1 
ATOM   734 C  CA  . SER B 1 47 ? 11.296  -5.912  -13.122 1.00 19.70 ? 389 SER B CA  1 
ATOM   735 C  C   . SER B 1 47 ? 10.875  -4.814  -14.082 1.00 22.40 ? 389 SER B C   1 
ATOM   736 O  O   . SER B 1 47 ? 10.437  -5.112  -15.204 1.00 23.56 ? 389 SER B O   1 
ATOM   737 C  CB  . SER B 1 47 ? 10.097  -6.417  -12.311 1.00 19.37 ? 389 SER B CB  1 
ATOM   738 O  OG  . SER B 1 47 ? 10.531  -7.449  -11.415 1.00 19.51 ? 389 SER B OG  1 
ATOM   739 N  N   . ALA B 1 48 ? 11.040  -3.555  -13.658 1.00 24.49 ? 390 ALA B N   1 
ATOM   740 C  CA  . ALA B 1 48 ? 10.702  -2.386  -14.476 1.00 26.19 ? 390 ALA B CA  1 
ATOM   741 C  C   . ALA B 1 48 ? 11.755  -2.012  -15.509 1.00 27.55 ? 390 ALA B C   1 
ATOM   742 O  O   . ALA B 1 48 ? 11.712  -0.905  -16.056 1.00 27.40 ? 390 ALA B O   1 
ATOM   743 C  CB  . ALA B 1 48 ? 10.409  -1.188  -13.585 1.00 26.38 ? 390 ALA B CB  1 
ATOM   744 N  N   . ILE B 1 49 ? 12.718  -2.907  -15.736 1.00 28.76 ? 391 ILE B N   1 
ATOM   745 C  CA  . ILE B 1 49 ? 13.646  -2.803  -16.873 1.00 30.54 ? 391 ILE B CA  1 
ATOM   746 C  C   . ILE B 1 49 ? 13.204  -3.813  -17.941 1.00 31.38 ? 391 ILE B C   1 
ATOM   747 O  O   . ILE B 1 49 ? 13.379  -3.583  -19.140 1.00 32.85 ? 391 ILE B O   1 
ATOM   748 C  CB  . ILE B 1 49 ? 15.127  -3.074  -16.476 1.00 30.22 ? 391 ILE B CB  1 
ATOM   749 C  CG1 . ILE B 1 49 ? 15.660  -1.961  -15.598 1.00 29.33 ? 391 ILE B CG1 1 
ATOM   750 C  CG2 . ILE B 1 49 ? 16.043  -3.188  -17.698 1.00 31.65 ? 391 ILE B CG2 1 
ATOM   751 C  CD1 . ILE B 1 49 ? 16.663  -2.465  -14.686 1.00 27.51 ? 391 ILE B CD1 1 
HETATM 752 BR BR  . BR  C 2 .  ? -2.465  15.749  1.867   0.50 17.59 ? 65  BR  A BR  1 
HETATM 753 C  C   . FMT D 3 .  ? 1.804   -4.019  6.441   1.00 10.92 ? 1   FMT A C   1 
HETATM 754 O  O1  . FMT D 3 .  ? 1.365   -3.942  7.593   1.00 14.18 ? 1   FMT A O1  1 
HETATM 755 O  O2  . FMT D 3 .  ? 1.374   -4.788  5.608   1.00 9.12  ? 1   FMT A O2  1 
HETATM 756 C  C   . FMT E 3 .  ? -14.254 8.845   -3.561  1.00 36.99 ? 4   FMT A C   1 
HETATM 757 O  O1  . FMT E 3 .  ? -13.310 9.635   -3.680  1.00 36.92 ? 4   FMT A O1  1 
HETATM 758 O  O2  . FMT E 3 .  ? -14.512 7.956   -4.374  1.00 36.38 ? 4   FMT A O2  1 
HETATM 759 C  C   . FMT F 3 .  ? -2.330  10.278  11.618  0.50 9.37  ? 8   FMT A C   1 
HETATM 760 O  O1  . FMT F 3 .  ? -1.391  11.054  11.878  0.50 10.15 ? 8   FMT A O1  1 
HETATM 761 O  O2  . FMT F 3 .  ? -2.212  9.083   11.325  0.50 7.90  ? 8   FMT A O2  1 
HETATM 762 BR BR  . BR  G 2 .  ? 0.617   -14.882 -5.647  0.50 16.18 ? 64  BR  B BR  1 
HETATM 763 C  C   . FMT H 3 .  ? 3.785   1.920   6.581   1.00 6.77  ? 2   FMT B C   1 
HETATM 764 O  O1  . FMT H 3 .  ? 4.585   1.095   6.349   1.00 10.85 ? 2   FMT B O1  1 
HETATM 765 O  O2  . FMT H 3 .  ? 3.558   2.681   5.731   1.00 6.32  ? 2   FMT B O2  1 
HETATM 766 C  C   . FMT I 3 .  ? 19.745  -4.924  3.319   1.00 24.89 ? 3   FMT B C   1 
HETATM 767 O  O1  . FMT I 3 .  ? 19.142  -5.805  2.676   1.00 26.96 ? 3   FMT B O1  1 
HETATM 768 O  O2  . FMT I 3 .  ? 19.308  -3.803  3.554   1.00 23.16 ? 3   FMT B O2  1 
HETATM 769 C  C   . FMT J 3 .  ? -4.008  -6.985  -9.629  0.50 8.60  ? 7   FMT B C   1 
HETATM 770 O  O1  . FMT J 3 .  ? -4.458  -6.795  -10.768 0.50 8.46  ? 7   FMT B O1  1 
HETATM 771 O  O2  . FMT J 3 .  ? -3.115  -7.790  -9.338  0.50 7.36  ? 7   FMT B O2  1 
HETATM 772 O  O   . HOH K 4 .  ? -4.027  4.488   -2.494  1.00 15.90 ? 392 HOH A O   1 
HETATM 773 O  O   . HOH K 4 .  ? -8.965  16.053  -6.275  1.00 12.55 ? 393 HOH A O   1 
HETATM 774 O  O   . HOH K 4 .  ? -11.084 17.089  -2.676  1.00 9.98  ? 394 HOH A O   1 
HETATM 775 O  O   . HOH K 4 .  ? 3.297   9.699   13.079  1.00 15.15 ? 395 HOH A O   1 
HETATM 776 O  O   . HOH K 4 .  ? 1.511   -0.812  11.586  1.00 23.09 ? 396 HOH A O   1 
HETATM 777 O  O   . HOH K 4 .  ? 2.573   -0.258  16.420  1.00 20.77 ? 397 HOH A O   1 
HETATM 778 O  O   . HOH K 4 .  ? 5.435   -0.031  15.984  1.00 18.64 ? 398 HOH A O   1 
HETATM 779 O  O   . HOH K 4 .  ? 6.645   -1.041  18.723  1.00 15.96 ? 399 HOH A O   1 
HETATM 780 O  O   . HOH K 4 .  ? -4.946  6.434   18.233  1.00 34.89 ? 400 HOH A O   1 
HETATM 781 O  O   . HOH K 4 .  ? -3.766  4.389   19.010  1.00 16.82 ? 401 HOH A O   1 
HETATM 782 O  O   . HOH K 4 .  ? -4.015  -0.123  19.724  1.00 12.38 ? 402 HOH A O   1 
HETATM 783 O  O   . HOH K 4 .  ? 1.323   9.371   -0.844  1.00 20.54 ? 404 HOH A O   1 
HETATM 784 O  O   . HOH K 4 .  ? 5.287   2.589   14.386  1.00 11.18 ? 405 HOH A O   1 
HETATM 785 O  O   . HOH K 4 .  ? -1.352  -1.548  18.206  1.00 17.40 ? 407 HOH A O   1 
HETATM 786 O  O   . HOH K 4 .  ? -7.251  7.798   14.978  1.00 22.36 ? 409 HOH A O   1 
HETATM 787 O  O   . HOH K 4 .  ? -6.189  7.524   12.516  1.00 17.09 ? 410 HOH A O   1 
HETATM 788 O  O   . HOH K 4 .  ? -3.091  8.689   15.563  1.00 25.52 ? 411 HOH A O   1 
HETATM 789 O  O   . HOH K 4 .  ? -12.788 2.928   14.319  1.00 15.89 ? 412 HOH A O   1 
HETATM 790 O  O   . HOH K 4 .  ? 0.386   8.597   14.314  1.00 22.28 ? 413 HOH A O   1 
HETATM 791 O  O   . HOH K 4 .  ? 5.948   10.020  11.259  1.00 19.46 ? 414 HOH A O   1 
HETATM 792 O  O   . HOH K 4 .  ? -10.072 -4.186  11.359  1.00 46.74 ? 415 HOH A O   1 
HETATM 793 O  O   . HOH K 4 .  ? -12.243 -5.366  13.314  1.00 19.00 ? 416 HOH A O   1 
HETATM 794 O  O   . HOH K 4 .  ? -3.940  10.546  -5.659  1.00 20.82 ? 417 HOH A O   1 
HETATM 795 O  O   . HOH K 4 .  ? 5.445   7.985   10.222  1.00 34.43 ? 418 HOH A O   1 
HETATM 796 O  O   . HOH K 4 .  ? -9.955  -0.248  17.442  1.00 13.69 ? 419 HOH A O   1 
HETATM 797 O  O   . HOH K 4 .  ? -12.126 -2.474  18.487  1.00 32.22 ? 420 HOH A O   1 
HETATM 798 O  O   . HOH K 4 .  ? -8.389  5.999   -6.854  1.00 25.94 ? 421 HOH A O   1 
HETATM 799 O  O   . HOH K 4 .  ? -11.187 4.406   -7.122  1.00 34.62 ? 422 HOH A O   1 
HETATM 800 O  O   . HOH K 4 .  ? -6.153  -4.599  -7.144  1.00 25.18 ? 423 HOH A O   1 
HETATM 801 O  O   . HOH K 4 .  ? -7.674  -6.579  -9.117  1.00 27.11 ? 424 HOH A O   1 
HETATM 802 O  O   . HOH K 4 .  ? -8.892  2.671   -8.758  1.00 27.52 ? 425 HOH A O   1 
HETATM 803 O  O   . HOH K 4 .  ? -6.449  -2.530  12.219  1.00 18.84 ? 427 HOH A O   1 
HETATM 804 O  O   . HOH K 4 .  ? -11.430 8.263   16.033  1.00 19.77 ? 428 HOH A O   1 
HETATM 805 O  O   . HOH K 4 .  ? 4.809   10.817  5.547   1.00 22.94 ? 429 HOH A O   1 
HETATM 806 O  O   . HOH K 4 .  ? 6.019   8.575   6.918   1.00 34.99 ? 430 HOH A O   1 
HETATM 807 O  O   . HOH L 4 .  ? 21.236  -5.180  -8.184  1.00 15.51 ? 403 HOH B O   1 
HETATM 808 O  O   . HOH L 4 .  ? 12.074  -10.092 0.668   1.00 14.81 ? 404 HOH B O   1 
HETATM 809 O  O   . HOH L 4 .  ? 14.491  -11.297 0.530   1.00 22.87 ? 405 HOH B O   1 
HETATM 810 O  O   . HOH L 4 .  ? 14.080  -13.106 -1.497  1.00 23.45 ? 406 HOH B O   1 
HETATM 811 O  O   . HOH L 4 .  ? -1.623  -11.820 -15.347 1.00 14.95 ? 407 HOH B O   1 
HETATM 812 O  O   . HOH L 4 .  ? -3.006  -11.114 -4.346  1.00 18.38 ? 408 HOH B O   1 
HETATM 813 O  O   . HOH L 4 .  ? -2.131  1.280   -4.869  1.00 12.04 ? 409 HOH B O   1 
HETATM 814 O  O   . HOH L 4 .  ? -3.035  -8.683  -2.525  1.00 17.58 ? 410 HOH B O   1 
HETATM 815 O  O   . HOH L 4 .  ? -0.314  -2.733  -5.747  1.00 17.35 ? 411 HOH B O   1 
HETATM 816 O  O   . HOH L 4 .  ? 0.745   4.765   -7.353  1.00 35.88 ? 412 HOH B O   1 
HETATM 817 O  O   . HOH L 4 .  ? -0.469  7.801   -7.456  1.00 22.62 ? 413 HOH B O   1 
HETATM 818 O  O   . HOH L 4 .  ? -1.680  3.806   -6.236  1.00 25.52 ? 414 HOH B O   1 
HETATM 819 O  O   . HOH L 4 .  ? 7.305   -3.079  8.196   1.00 28.75 ? 415 HOH B O   1 
HETATM 820 O  O   . HOH L 4 .  ? 8.371   -3.407  -11.699 1.00 30.17 ? 416 HOH B O   1 
HETATM 821 O  O   . HOH L 4 .  ? 1.383   -0.761  -14.172 1.00 31.04 ? 417 HOH B O   1 
HETATM 822 O  O   . HOH L 4 .  ? -0.200  -14.025 -8.311  0.50 2.07  ? 418 HOH B O   1 
HETATM 823 O  O   . HOH L 4 .  ? 0.048   -1.785  -12.286 1.00 32.49 ? 419 HOH B O   1 
# 
